data_43CA
#
_entry.id   43CA
#
_cell.length_a   106.250
_cell.length_b   110.860
_cell.length_c   244.420
_cell.angle_alpha   90.00
_cell.angle_beta   90.00
_cell.angle_gamma   90.00
#
_symmetry.space_group_name_H-M   'C 2 2 21'
#
loop_
_entity.id
_entity.type
_entity.pdbx_description
1 polymer 'PROTEIN (IMMUNOGLOBULIN (LIGHT CHAIN))'
2 polymer 'PROTEIN (IMMUNOGLOBULIN (HEAVY CHAIN))'
3 non-polymer P-NITROPHENOL
4 water water
#
loop_
_entity_poly.entity_id
_entity_poly.type
_entity_poly.pdbx_seq_one_letter_code
_entity_poly.pdbx_strand_id
1 'polypeptide(L)'
;DVVMTQTPSSLAMSVGQKVTMSCKSSQSLLNISNQKNYLAWYQQKPGQSPKLLVYFASTRESGVPDRFIGSGSGTDFTLT
ISSVQAEDQADYFCQQHYRAPRTFGGGTKLEIK
;
A,C,E,G
2 'polypeptide(L)'
;QVQLVESGPGLVAPSQSLSITCTVSGISLSRYNVHWVRQSPGKGLEWLGMIWGGGSIEYNPALKSRLSISKDNSKSQIFL
KMNSLQTDDSAMYYCVSYGYGGDRFSYWGQGTLVTVS
;
B,D,F,H
#
# COMPACT_ATOMS: atom_id res chain seq x y z
N ASP A 1 12.40 22.19 -44.66
CA ASP A 1 12.75 20.88 -44.06
C ASP A 1 13.74 20.96 -42.89
N VAL A 2 13.83 22.06 -42.15
CA VAL A 2 14.73 22.00 -41.01
C VAL A 2 13.86 21.17 -40.03
N VAL A 3 14.39 20.04 -39.55
CA VAL A 3 13.67 19.16 -38.62
C VAL A 3 13.95 19.47 -37.16
N MET A 4 12.91 19.94 -36.46
CA MET A 4 12.98 20.30 -35.05
C MET A 4 12.59 19.13 -34.12
N THR A 5 13.40 18.83 -33.12
CA THR A 5 13.16 17.70 -32.21
C THR A 5 13.20 18.04 -30.72
N GLN A 6 12.10 17.81 -30.01
CA GLN A 6 12.06 18.09 -28.58
C GLN A 6 12.17 16.83 -27.73
N THR A 7 12.92 16.92 -26.65
CA THR A 7 13.04 15.81 -25.74
C THR A 7 13.01 16.38 -24.33
N PRO A 8 12.31 15.69 -23.42
CA PRO A 8 11.59 14.45 -23.75
C PRO A 8 10.17 14.80 -24.24
N SER A 9 9.43 13.85 -24.79
CA SER A 9 8.08 14.16 -25.24
C SER A 9 7.13 14.48 -24.07
N SER A 10 7.50 14.00 -22.88
CA SER A 10 6.76 14.27 -21.67
C SER A 10 7.61 13.83 -20.50
N LEU A 11 7.40 14.51 -19.36
CA LEU A 11 8.11 14.22 -18.13
C LEU A 11 7.36 14.77 -16.95
N ALA A 12 7.54 14.13 -15.79
CA ALA A 12 6.89 14.55 -14.56
C ALA A 12 7.90 15.04 -13.53
N MET A 13 7.77 16.30 -13.17
CA MET A 13 8.63 16.94 -12.21
C MET A 13 7.82 17.34 -10.98
N SER A 14 8.54 17.85 -10.00
CA SER A 14 7.93 18.25 -8.75
C SER A 14 8.22 19.73 -8.50
N VAL A 15 7.33 20.42 -7.78
CA VAL A 15 7.52 21.85 -7.50
C VAL A 15 8.86 22.19 -6.84
N GLY A 16 9.48 23.28 -7.31
CA GLY A 16 10.76 23.71 -6.77
C GLY A 16 11.97 23.13 -7.49
N GLN A 17 11.79 22.00 -8.15
CA GLN A 17 12.87 21.36 -8.86
C GLN A 17 13.21 22.14 -10.10
N LYS A 18 14.43 21.89 -10.58
CA LYS A 18 14.92 22.52 -11.78
C LYS A 18 14.53 21.65 -12.97
N VAL A 19 13.97 22.28 -14.00
CA VAL A 19 13.54 21.56 -15.20
C VAL A 19 14.41 21.92 -16.40
N THR A 20 14.74 20.91 -17.19
CA THR A 20 15.54 21.11 -18.38
C THR A 20 14.90 20.34 -19.51
N MET A 21 14.61 21.02 -20.61
CA MET A 21 14.04 20.35 -21.75
C MET A 21 14.76 20.81 -23.00
N SER A 22 15.12 19.84 -23.83
CA SER A 22 15.86 20.12 -25.03
C SER A 22 15.07 20.34 -26.32
N CYS A 23 15.73 20.99 -27.27
CA CYS A 23 15.16 21.24 -28.58
C CYS A 23 16.37 21.26 -29.50
N LYS A 24 16.38 20.40 -30.53
CA LYS A 24 17.50 20.31 -31.48
C LYS A 24 17.02 20.43 -32.92
N SER A 25 17.83 21.04 -33.79
CA SER A 25 17.49 21.17 -35.21
C SER A 25 18.54 20.47 -36.07
N SER A 26 18.14 20.11 -37.29
CA SER A 26 19.02 19.42 -38.21
C SER A 26 20.06 20.33 -38.89
N GLN A 27 19.87 21.64 -38.81
CA GLN A 27 20.79 22.62 -39.39
C GLN A 27 20.97 23.68 -38.34
N SER A 28 22.15 24.30 -38.32
CA SER A 28 22.39 25.37 -37.36
C SER A 28 21.39 26.50 -37.58
N LEU A 29 21.00 27.13 -36.49
CA LEU A 29 20.05 28.25 -36.50
C LEU A 29 20.77 29.60 -36.28
N LEU A 30 22.11 29.55 -36.23
CA LEU A 30 22.95 30.73 -36.02
C LEU A 30 23.16 31.49 -37.31
N ASN A 31 22.64 32.70 -37.35
CA ASN A 31 22.76 33.56 -38.51
C ASN A 31 24.13 34.17 -38.48
N ILE A 32 25.02 33.65 -39.34
CA ILE A 32 26.42 34.12 -39.50
C ILE A 32 26.25 35.49 -40.11
N SER A 33 26.09 36.53 -39.30
CA SER A 33 25.83 37.82 -39.92
C SER A 33 25.51 38.78 -38.81
N ASN A 34 24.70 38.33 -37.86
CA ASN A 34 24.34 39.14 -36.70
C ASN A 34 24.55 38.25 -35.48
N GLN A 35 25.06 37.04 -35.76
CA GLN A 35 25.35 36.03 -34.75
C GLN A 35 24.20 35.68 -33.81
N LYS A 36 22.97 35.90 -34.27
CA LYS A 36 21.79 35.60 -33.48
C LYS A 36 21.29 34.20 -33.83
N ASN A 37 20.77 33.49 -32.81
CA ASN A 37 20.20 32.16 -33.02
C ASN A 37 18.71 32.36 -33.16
N TYR A 38 18.19 31.99 -34.32
CA TYR A 38 16.76 32.14 -34.59
C TYR A 38 15.90 30.97 -34.06
N LEU A 39 15.70 30.96 -32.75
CA LEU A 39 14.92 29.93 -32.09
C LEU A 39 14.03 30.52 -31.00
N ALA A 40 12.74 30.17 -31.02
CA ALA A 40 11.76 30.62 -30.02
C ALA A 40 11.19 29.50 -29.13
N TRP A 41 10.74 29.83 -27.93
CA TRP A 41 10.13 28.86 -27.02
C TRP A 41 8.74 29.41 -26.63
N TYR A 42 7.75 28.52 -26.59
CA TYR A 42 6.38 28.87 -26.26
C TYR A 42 5.85 27.96 -25.15
N GLN A 43 4.88 28.48 -24.41
CA GLN A 43 4.20 27.73 -23.35
C GLN A 43 2.73 27.71 -23.74
N GLN A 44 2.09 26.55 -23.64
CA GLN A 44 0.67 26.48 -24.00
C GLN A 44 -0.10 25.73 -22.97
N LYS A 45 -1.06 26.43 -22.38
CA LYS A 45 -1.91 25.80 -21.40
C LYS A 45 -3.22 25.44 -22.09
N PRO A 46 -3.94 24.44 -21.56
CA PRO A 46 -5.21 23.94 -22.11
C PRO A 46 -6.18 25.00 -22.60
N GLY A 47 -6.64 24.81 -23.83
CA GLY A 47 -7.60 25.72 -24.44
C GLY A 47 -7.12 27.15 -24.60
N GLN A 48 -5.81 27.31 -24.79
CA GLN A 48 -5.23 28.63 -24.96
C GLN A 48 -4.22 28.63 -26.08
N SER A 49 -3.97 29.80 -26.61
CA SER A 49 -3.00 29.96 -27.67
C SER A 49 -1.67 29.87 -26.97
N PRO A 50 -0.64 29.44 -27.69
CA PRO A 50 0.63 29.40 -26.97
C PRO A 50 1.11 30.83 -26.78
N LYS A 51 2.01 31.03 -25.82
CA LYS A 51 2.58 32.35 -25.54
C LYS A 51 4.08 32.28 -25.69
N LEU A 52 4.66 33.35 -26.22
CA LEU A 52 6.09 33.38 -26.38
C LEU A 52 6.72 33.56 -25.01
N LEU A 53 7.72 32.73 -24.74
CA LEU A 53 8.49 32.78 -23.51
C LEU A 53 9.87 33.37 -23.85
N VAL A 54 10.53 32.82 -24.86
CA VAL A 54 11.87 33.26 -25.22
C VAL A 54 12.08 33.32 -26.71
N TYR A 55 12.81 34.32 -27.19
CA TYR A 55 13.13 34.41 -28.61
C TYR A 55 14.63 34.59 -28.75
N PHE A 56 15.14 34.46 -29.98
CA PHE A 56 16.59 34.57 -30.23
C PHE A 56 17.37 33.65 -29.27
N ALA A 57 16.75 32.52 -28.96
CA ALA A 57 17.31 31.48 -28.10
C ALA A 57 17.48 31.79 -26.60
N SER A 58 17.63 33.06 -26.27
CA SER A 58 17.88 33.43 -24.87
C SER A 58 17.19 34.68 -24.31
N THR A 59 16.68 35.54 -25.18
CA THR A 59 16.00 36.74 -24.74
C THR A 59 14.60 36.44 -24.24
N ARG A 60 14.33 36.78 -22.99
CA ARG A 60 13.02 36.56 -22.41
C ARG A 60 12.04 37.56 -22.97
N GLU A 61 10.82 37.14 -23.22
CA GLU A 61 9.79 38.03 -23.71
C GLU A 61 9.34 38.86 -22.50
N SER A 62 8.87 40.09 -22.72
CA SER A 62 8.38 40.95 -21.64
C SER A 62 7.30 40.23 -20.87
N GLY A 63 7.39 40.31 -19.54
CA GLY A 63 6.41 39.68 -18.69
C GLY A 63 6.77 38.28 -18.24
N VAL A 64 7.68 37.61 -18.95
CA VAL A 64 8.08 36.26 -18.58
C VAL A 64 9.02 36.25 -17.37
N PRO A 65 8.68 35.49 -16.31
CA PRO A 65 9.49 35.41 -15.10
C PRO A 65 10.95 35.00 -15.35
N ASP A 66 11.83 35.30 -14.40
CA ASP A 66 13.25 34.97 -14.54
C ASP A 66 13.57 33.49 -14.41
N ARG A 67 12.64 32.70 -13.87
CA ARG A 67 12.90 31.28 -13.71
C ARG A 67 12.98 30.53 -15.04
N PHE A 68 12.59 31.19 -16.13
CA PHE A 68 12.64 30.58 -17.45
C PHE A 68 13.92 31.01 -18.19
N ILE A 69 14.87 30.11 -18.43
CA ILE A 69 16.07 30.50 -19.14
C ILE A 69 16.42 29.65 -20.34
N GLY A 70 16.41 30.30 -21.50
CA GLY A 70 16.74 29.64 -22.75
C GLY A 70 18.24 29.67 -22.94
N SER A 71 18.82 28.64 -23.56
CA SER A 71 20.25 28.61 -23.78
C SER A 71 20.60 27.79 -25.00
N GLY A 72 21.86 27.85 -25.39
CA GLY A 72 22.34 27.09 -26.52
C GLY A 72 22.54 27.95 -27.75
N SER A 73 23.02 27.31 -28.81
CA SER A 73 23.22 27.98 -30.07
C SER A 73 23.51 26.94 -31.13
N GLY A 74 23.51 27.35 -32.40
CA GLY A 74 23.78 26.39 -33.44
C GLY A 74 22.63 25.43 -33.67
N THR A 75 22.71 24.23 -33.10
CA THR A 75 21.64 23.25 -33.32
C THR A 75 21.04 22.64 -32.06
N ASP A 76 21.62 22.91 -30.89
CA ASP A 76 21.11 22.32 -29.68
C ASP A 76 20.82 23.40 -28.69
N PHE A 77 19.54 23.54 -28.34
CA PHE A 77 19.06 24.55 -27.43
C PHE A 77 18.37 23.93 -26.23
N THR A 78 18.19 24.73 -25.18
CA THR A 78 17.60 24.26 -23.94
C THR A 78 16.73 25.32 -23.29
N LEU A 79 15.73 24.88 -22.56
CA LEU A 79 14.85 25.75 -21.81
C LEU A 79 14.95 25.19 -20.40
N THR A 80 15.30 26.03 -19.46
CA THR A 80 15.44 25.60 -18.11
C THR A 80 14.43 26.37 -17.29
N ILE A 81 13.91 25.75 -16.24
CA ILE A 81 12.99 26.43 -15.34
C ILE A 81 13.67 26.17 -14.00
N SER A 82 14.47 27.15 -13.56
CA SER A 82 15.25 27.07 -12.33
C SER A 82 14.58 26.45 -11.12
N SER A 83 13.35 26.85 -10.87
CA SER A 83 12.59 26.32 -9.74
C SER A 83 11.17 26.31 -10.22
N VAL A 84 10.75 25.17 -10.76
CA VAL A 84 9.42 25.05 -11.29
C VAL A 84 8.28 25.26 -10.29
N GLN A 85 7.23 25.96 -10.74
CA GLN A 85 6.06 26.23 -9.92
C GLN A 85 4.84 25.47 -10.46
N ALA A 86 3.86 25.15 -9.61
CA ALA A 86 2.67 24.39 -10.05
C ALA A 86 2.04 24.89 -11.35
N GLU A 87 1.98 26.21 -11.50
CA GLU A 87 1.39 26.84 -12.68
C GLU A 87 2.25 26.72 -13.93
N ASP A 88 3.34 25.98 -13.84
CA ASP A 88 4.20 25.81 -14.98
C ASP A 88 3.85 24.56 -15.76
N GLN A 89 2.85 23.82 -15.28
CA GLN A 89 2.40 22.60 -15.95
C GLN A 89 1.80 23.02 -17.29
N ALA A 90 2.47 22.68 -18.38
CA ALA A 90 1.99 23.06 -19.71
C ALA A 90 2.74 22.29 -20.76
N ASP A 91 2.48 22.65 -22.00
CA ASP A 91 3.18 22.08 -23.13
C ASP A 91 4.16 23.14 -23.58
N TYR A 92 5.35 22.70 -23.95
CA TYR A 92 6.40 23.59 -24.39
C TYR A 92 6.84 23.24 -25.79
N PHE A 93 6.85 24.26 -26.63
CA PHE A 93 7.24 24.09 -28.03
C PHE A 93 8.38 25.02 -28.36
N CYS A 94 9.20 24.60 -29.31
CA CYS A 94 10.27 25.43 -29.80
C CYS A 94 9.99 25.60 -31.29
N GLN A 95 10.30 26.75 -31.86
CA GLN A 95 10.06 26.97 -33.29
C GLN A 95 11.32 27.59 -33.88
N GLN A 96 11.70 27.15 -35.07
CA GLN A 96 12.85 27.71 -35.74
C GLN A 96 12.36 28.84 -36.64
N HIS A 97 13.02 30.00 -36.54
CA HIS A 97 12.70 31.20 -37.32
C HIS A 97 13.83 31.59 -38.27
N TYR A 98 14.70 30.64 -38.57
CA TYR A 98 15.84 30.85 -39.43
C TYR A 98 15.46 30.83 -40.91
N ARG A 99 14.78 29.76 -41.33
CA ARG A 99 14.36 29.57 -42.72
C ARG A 99 12.90 29.18 -42.83
N ALA A 100 12.25 29.50 -43.94
CA ALA A 100 10.87 29.10 -44.17
C ALA A 100 10.98 27.67 -44.72
N PRO A 101 10.06 26.76 -44.36
CA PRO A 101 8.92 26.98 -43.47
C PRO A 101 9.46 26.93 -42.05
N ARG A 102 9.02 27.89 -41.24
CA ARG A 102 9.45 28.02 -39.86
C ARG A 102 8.81 26.90 -39.02
N THR A 103 9.46 25.74 -39.05
CA THR A 103 9.00 24.55 -38.36
C THR A 103 9.02 24.58 -36.84
N PHE A 104 8.08 23.84 -36.24
CA PHE A 104 7.93 23.73 -34.79
C PHE A 104 8.40 22.37 -34.32
N GLY A 105 8.68 22.27 -33.02
CA GLY A 105 9.10 21.02 -32.42
C GLY A 105 7.85 20.20 -32.16
N GLY A 106 8.01 18.99 -31.64
CA GLY A 106 6.85 18.14 -31.38
C GLY A 106 6.14 18.51 -30.10
N GLY A 107 6.90 19.12 -29.18
CA GLY A 107 6.38 19.52 -27.90
C GLY A 107 6.88 18.67 -26.76
N THR A 108 6.84 19.27 -25.58
CA THR A 108 7.21 18.55 -24.38
C THR A 108 6.04 18.85 -23.44
N LYS A 109 5.38 17.79 -22.96
CA LYS A 109 4.27 17.94 -22.04
C LYS A 109 4.84 17.78 -20.64
N LEU A 110 4.94 18.91 -19.93
CA LEU A 110 5.46 18.93 -18.57
C LEU A 110 4.39 18.75 -17.51
N GLU A 111 4.45 17.64 -16.79
CA GLU A 111 3.48 17.40 -15.72
C GLU A 111 4.16 17.75 -14.40
N ILE A 112 3.49 18.59 -13.61
CA ILE A 112 3.98 19.03 -12.30
C ILE A 112 3.13 18.29 -11.29
N LYS A 113 3.74 17.49 -10.42
CA LYS A 113 2.97 16.72 -9.43
C LYS A 113 2.59 17.48 -8.17
N GLN B 1 -4.18 45.75 -24.54
CA GLN B 1 -4.30 46.83 -25.58
C GLN B 1 -4.11 46.37 -27.04
N VAL B 2 -3.10 45.55 -27.30
CA VAL B 2 -2.88 44.99 -28.65
C VAL B 2 -3.67 43.65 -28.75
N GLN B 3 -4.41 43.45 -29.83
CA GLN B 3 -5.23 42.26 -30.03
C GLN B 3 -5.24 41.73 -31.46
N LEU B 4 -5.02 40.43 -31.63
CA LEU B 4 -5.08 39.79 -32.95
C LEU B 4 -6.31 38.91 -32.92
N VAL B 5 -7.30 39.26 -33.74
CA VAL B 5 -8.54 38.51 -33.79
C VAL B 5 -8.82 37.93 -35.16
N GLU B 6 -8.89 36.60 -35.23
CA GLU B 6 -9.18 36.00 -36.51
C GLU B 6 -10.63 35.54 -36.66
N SER B 7 -11.16 35.71 -37.88
CA SER B 7 -12.52 35.38 -38.26
C SER B 7 -12.44 34.26 -39.29
N GLY B 8 -13.42 33.36 -39.27
CA GLY B 8 -13.43 32.25 -40.21
C GLY B 8 -14.83 31.78 -40.55
N PRO B 9 -14.96 30.73 -41.36
CA PRO B 9 -16.23 30.14 -41.80
C PRO B 9 -16.92 29.12 -40.88
N GLY B 10 -16.16 28.55 -39.94
CA GLY B 10 -16.70 27.54 -39.03
C GLY B 10 -16.58 26.20 -39.74
N LEU B 11 -17.71 25.56 -40.01
CA LEU B 11 -17.66 24.29 -40.73
C LEU B 11 -17.71 24.65 -42.19
N VAL B 12 -17.03 23.84 -42.99
CA VAL B 12 -17.00 24.08 -44.41
C VAL B 12 -16.77 22.74 -45.12
N ALA B 13 -17.52 22.55 -46.20
CA ALA B 13 -17.46 21.33 -46.98
C ALA B 13 -16.14 21.20 -47.71
N PRO B 14 -15.64 19.96 -47.91
CA PRO B 14 -14.37 19.73 -48.61
C PRO B 14 -14.35 20.40 -49.99
N SER B 15 -13.23 20.25 -50.69
CA SER B 15 -12.97 20.86 -51.99
C SER B 15 -13.66 22.20 -52.24
N GLN B 16 -13.88 22.89 -51.12
CA GLN B 16 -14.46 24.21 -51.08
C GLN B 16 -13.22 25.08 -50.85
N SER B 17 -13.40 26.37 -50.65
CA SER B 17 -12.25 27.24 -50.40
C SER B 17 -12.38 27.97 -49.08
N LEU B 18 -11.28 27.96 -48.34
CA LEU B 18 -11.22 28.60 -47.05
C LEU B 18 -10.85 30.08 -47.23
N SER B 19 -11.20 30.88 -46.24
CA SER B 19 -10.91 32.27 -46.31
C SER B 19 -10.98 32.84 -44.88
N ILE B 20 -9.84 33.27 -44.35
CA ILE B 20 -9.76 33.76 -42.99
C ILE B 20 -9.21 35.19 -42.92
N THR B 21 -9.66 35.96 -41.93
CA THR B 21 -9.21 37.33 -41.76
C THR B 21 -8.58 37.56 -40.39
N CYS B 22 -7.39 38.15 -40.37
CA CYS B 22 -6.72 38.48 -39.11
C CYS B 22 -6.86 39.97 -38.85
N THR B 23 -7.70 40.32 -37.89
CA THR B 23 -7.97 41.69 -37.50
C THR B 23 -7.07 42.18 -36.35
N VAL B 24 -6.18 43.11 -36.70
CA VAL B 24 -5.20 43.66 -35.76
C VAL B 24 -5.57 45.06 -35.20
N SER B 25 -5.20 45.30 -33.96
CA SER B 25 -5.44 46.58 -33.31
C SER B 25 -4.30 46.82 -32.34
N GLY B 26 -3.99 48.10 -32.10
CA GLY B 26 -2.93 48.44 -31.16
C GLY B 26 -1.59 48.63 -31.81
N ILE B 27 -1.42 48.10 -33.01
CA ILE B 27 -0.14 48.25 -33.71
C ILE B 27 -0.29 48.55 -35.20
N SER B 28 0.84 48.93 -35.79
CA SER B 28 0.93 49.23 -37.21
C SER B 28 1.53 48.02 -37.93
N LEU B 29 0.86 47.54 -38.98
CA LEU B 29 1.33 46.39 -39.77
C LEU B 29 2.60 46.62 -40.58
N SER B 30 3.02 47.88 -40.67
CA SER B 30 4.22 48.22 -41.39
C SER B 30 5.41 47.89 -40.55
N ARG B 31 5.20 47.75 -39.25
CA ARG B 31 6.31 47.48 -38.34
C ARG B 31 6.30 46.08 -37.73
N TYR B 32 5.31 45.28 -38.10
CA TYR B 32 5.22 43.94 -37.55
C TYR B 32 5.03 42.89 -38.64
N ASN B 33 5.64 41.72 -38.47
CA ASN B 33 5.47 40.61 -39.42
C ASN B 33 4.33 39.73 -38.92
N VAL B 34 3.42 39.37 -39.82
CA VAL B 34 2.31 38.50 -39.43
C VAL B 34 2.40 37.09 -40.04
N HIS B 35 2.40 36.08 -39.19
CA HIS B 35 2.49 34.70 -39.64
C HIS B 35 1.13 34.02 -39.54
N TRP B 36 0.97 32.95 -40.28
CA TRP B 36 -0.25 32.17 -40.24
C TRP B 36 0.23 30.81 -39.80
N VAL B 37 -0.41 30.33 -38.73
CA VAL B 37 -0.10 29.04 -38.13
C VAL B 37 -1.41 28.33 -37.83
N ARG B 38 -1.40 27.01 -37.92
CA ARG B 38 -2.59 26.26 -37.57
C ARG B 38 -2.13 25.16 -36.62
N GLN B 39 -3.03 24.72 -35.74
CA GLN B 39 -2.72 23.67 -34.79
C GLN B 39 -3.87 22.65 -34.70
N SER B 40 -3.53 21.38 -34.55
CA SER B 40 -4.54 20.35 -34.41
C SER B 40 -3.92 19.25 -33.53
N PRO B 41 -4.75 18.51 -32.80
CA PRO B 41 -4.18 17.46 -31.96
C PRO B 41 -3.34 16.43 -32.74
N GLY B 42 -3.88 15.95 -33.85
CA GLY B 42 -3.19 14.98 -34.67
C GLY B 42 -1.97 15.51 -35.41
N LYS B 43 -2.13 16.62 -36.13
CA LYS B 43 -1.04 17.24 -36.91
C LYS B 43 0.04 18.05 -36.19
N GLY B 44 -0.23 18.49 -34.96
CA GLY B 44 0.73 19.30 -34.23
C GLY B 44 0.59 20.73 -34.72
N LEU B 45 1.65 21.54 -34.61
CA LEU B 45 1.63 22.94 -35.06
C LEU B 45 2.31 23.05 -36.41
N GLU B 46 1.74 23.82 -37.34
CA GLU B 46 2.30 23.97 -38.69
C GLU B 46 2.34 25.41 -39.13
N TRP B 47 3.45 25.80 -39.74
CA TRP B 47 3.65 27.17 -40.23
C TRP B 47 3.10 27.22 -41.64
N LEU B 48 2.23 28.16 -41.90
CA LEU B 48 1.64 28.25 -43.22
C LEU B 48 2.33 29.25 -44.08
N GLY B 49 2.38 30.49 -43.61
CA GLY B 49 3.04 31.53 -44.36
C GLY B 49 3.28 32.70 -43.47
N MET B 50 3.68 33.82 -44.06
CA MET B 50 3.92 35.05 -43.32
C MET B 50 3.97 36.21 -44.28
N ILE B 51 3.78 37.39 -43.75
CA ILE B 51 3.85 38.59 -44.56
C ILE B 51 4.60 39.62 -43.70
N TRP B 52 5.78 40.03 -44.19
CA TRP B 52 6.62 41.01 -43.50
C TRP B 52 6.06 42.42 -43.45
N GLY B 53 6.61 43.23 -42.56
CA GLY B 53 6.20 44.61 -42.44
C GLY B 53 6.24 45.25 -43.82
N GLY B 54 7.36 45.04 -44.52
CA GLY B 54 7.49 45.61 -45.85
C GLY B 54 6.85 44.82 -46.97
N GLY B 55 5.66 44.25 -46.73
CA GLY B 55 4.96 43.49 -47.76
C GLY B 55 5.49 42.16 -48.34
N SER B 56 6.73 41.77 -48.07
CA SER B 56 7.23 40.50 -48.62
C SER B 56 6.38 39.38 -48.03
N ILE B 57 6.16 38.34 -48.82
CA ILE B 57 5.32 37.20 -48.43
C ILE B 57 6.06 35.88 -48.62
N GLU B 58 5.88 34.96 -47.66
CA GLU B 58 6.51 33.65 -47.74
C GLU B 58 5.42 32.61 -47.48
N TYR B 59 5.61 31.40 -48.01
CA TYR B 59 4.65 30.32 -47.86
C TYR B 59 5.34 29.05 -47.44
N ASN B 60 4.56 28.11 -46.91
CA ASN B 60 5.11 26.82 -46.57
C ASN B 60 5.22 26.24 -47.98
N PRO B 61 6.44 25.89 -48.44
CA PRO B 61 6.60 25.34 -49.79
C PRO B 61 5.63 24.19 -50.09
N ALA B 62 5.45 23.32 -49.12
CA ALA B 62 4.55 22.18 -49.29
C ALA B 62 3.08 22.56 -49.49
N LEU B 63 2.73 23.80 -49.20
CA LEU B 63 1.33 24.21 -49.29
C LEU B 63 1.04 25.39 -50.20
N LYS B 64 2.09 26.02 -50.69
CA LYS B 64 2.00 27.18 -51.57
C LYS B 64 0.93 27.11 -52.66
N SER B 65 0.84 25.93 -53.30
CA SER B 65 -0.12 25.65 -54.38
C SER B 65 -1.53 26.12 -54.07
N ARG B 66 -1.97 25.89 -52.84
CA ARG B 66 -3.33 26.19 -52.42
C ARG B 66 -3.50 27.42 -51.54
N LEU B 67 -2.39 27.96 -51.05
CA LEU B 67 -2.45 29.13 -50.18
C LEU B 67 -2.32 30.43 -50.92
N SER B 68 -2.69 31.50 -50.22
CA SER B 68 -2.65 32.85 -50.74
C SER B 68 -2.77 33.81 -49.55
N ILE B 69 -1.72 34.56 -49.27
CA ILE B 69 -1.68 35.51 -48.17
C ILE B 69 -1.56 36.95 -48.66
N SER B 70 -2.20 37.87 -47.95
CA SER B 70 -2.14 39.29 -48.32
C SER B 70 -2.52 40.14 -47.10
N LYS B 71 -2.37 41.46 -47.21
CA LYS B 71 -2.72 42.34 -46.12
C LYS B 71 -3.33 43.66 -46.58
N ASP B 72 -3.82 44.44 -45.62
CA ASP B 72 -4.41 45.72 -45.90
C ASP B 72 -4.00 46.60 -44.72
N ASN B 73 -2.87 47.31 -44.87
CA ASN B 73 -2.35 48.18 -43.81
C ASN B 73 -3.36 49.20 -43.29
N SER B 74 -4.16 49.76 -44.19
CA SER B 74 -5.13 50.77 -43.81
C SER B 74 -6.19 50.24 -42.87
N LYS B 75 -6.59 48.98 -43.06
CA LYS B 75 -7.60 48.35 -42.20
C LYS B 75 -7.00 47.43 -41.15
N SER B 76 -5.68 47.30 -41.18
CA SER B 76 -4.93 46.47 -40.24
C SER B 76 -5.48 45.03 -40.16
N GLN B 77 -5.70 44.47 -41.34
CA GLN B 77 -6.19 43.12 -41.46
C GLN B 77 -5.19 42.35 -42.34
N ILE B 78 -5.12 41.05 -42.14
CA ILE B 78 -4.24 40.17 -42.91
C ILE B 78 -5.17 39.04 -43.38
N PHE B 79 -4.92 38.50 -44.57
CA PHE B 79 -5.80 37.48 -45.09
C PHE B 79 -5.09 36.21 -45.48
N LEU B 80 -5.85 35.12 -45.43
CA LEU B 80 -5.34 33.82 -45.84
C LEU B 80 -6.47 33.17 -46.61
N LYS B 81 -6.14 32.51 -47.71
CA LYS B 81 -7.11 31.81 -48.52
C LYS B 81 -6.48 30.49 -48.83
N MET B 82 -7.26 29.42 -48.66
CA MET B 82 -6.78 28.08 -48.93
C MET B 82 -7.78 27.37 -49.84
N ASN B 83 -7.30 26.71 -50.90
CA ASN B 83 -8.15 26.01 -51.87
C ASN B 83 -8.10 24.52 -51.71
N SER B 84 -8.97 23.81 -52.44
CA SER B 84 -9.00 22.36 -52.40
C SER B 84 -9.04 21.84 -50.96
N LEU B 85 -10.00 22.30 -50.17
CA LEU B 85 -10.09 21.84 -48.80
C LEU B 85 -10.36 20.34 -48.65
N GLN B 86 -9.66 19.69 -47.76
CA GLN B 86 -9.90 18.26 -47.52
C GLN B 86 -10.14 18.15 -46.02
N THR B 87 -10.81 17.08 -45.60
CA THR B 87 -11.12 16.90 -44.18
C THR B 87 -9.83 16.98 -43.37
N ASP B 88 -8.74 16.74 -44.06
CA ASP B 88 -7.43 16.77 -43.49
C ASP B 88 -7.01 18.16 -43.01
N ASP B 89 -7.65 19.20 -43.51
CA ASP B 89 -7.31 20.57 -43.15
C ASP B 89 -8.01 21.18 -41.92
N SER B 90 -8.79 20.41 -41.19
CA SER B 90 -9.45 20.95 -40.01
C SER B 90 -8.36 21.29 -39.01
N ALA B 91 -8.47 22.46 -38.36
CA ALA B 91 -7.51 22.88 -37.33
C ALA B 91 -7.88 24.24 -36.77
N MET B 92 -7.17 24.66 -35.73
CA MET B 92 -7.39 25.97 -35.15
C MET B 92 -6.39 26.87 -35.91
N TYR B 93 -6.91 27.88 -36.61
CA TYR B 93 -6.08 28.80 -37.39
C TYR B 93 -5.78 30.07 -36.64
N TYR B 94 -4.49 30.38 -36.56
CA TYR B 94 -4.00 31.54 -35.83
C TYR B 94 -3.13 32.52 -36.63
N CYS B 95 -3.23 33.81 -36.30
CA CYS B 95 -2.33 34.80 -36.89
C CYS B 95 -1.46 35.25 -35.72
N VAL B 96 -0.16 35.33 -35.97
CA VAL B 96 0.80 35.72 -34.94
C VAL B 96 1.72 36.81 -35.45
N SER B 97 1.96 37.83 -34.64
CA SER B 97 2.83 38.94 -35.02
C SER B 97 4.10 39.03 -34.16
N TYR B 98 5.14 39.62 -34.76
CA TYR B 98 6.46 39.84 -34.15
C TYR B 98 7.03 41.20 -34.62
N GLY B 99 7.54 41.99 -33.69
CA GLY B 99 8.10 43.27 -34.04
C GLY B 99 8.65 43.97 -32.81
N TYR B 100 9.25 45.14 -33.00
CA TYR B 100 9.84 45.87 -31.89
C TYR B 100 9.04 47.08 -31.48
N GLY B 101 9.19 47.49 -30.22
CA GLY B 101 8.48 48.66 -29.75
C GLY B 101 7.15 48.50 -29.00
N GLY B 102 6.56 47.31 -28.99
CA GLY B 102 5.31 47.15 -28.26
C GLY B 102 5.63 46.72 -26.84
N ASP B 103 4.60 46.49 -26.03
CA ASP B 103 4.76 46.01 -24.65
C ASP B 103 5.48 44.67 -24.70
N ARG B 104 5.19 43.90 -25.76
CA ARG B 104 5.72 42.60 -26.04
C ARG B 104 6.27 42.55 -27.44
N PHE B 105 7.10 41.56 -27.73
CA PHE B 105 7.74 41.34 -29.02
C PHE B 105 6.74 40.69 -29.96
N SER B 106 5.93 39.80 -29.40
CA SER B 106 4.93 39.08 -30.18
C SER B 106 3.57 38.96 -29.50
N TYR B 107 2.58 38.74 -30.34
CA TYR B 107 1.21 38.59 -29.93
C TYR B 107 0.65 37.43 -30.77
N TRP B 108 0.09 36.44 -30.09
CA TRP B 108 -0.51 35.29 -30.76
C TRP B 108 -2.01 35.56 -30.73
N GLY B 109 -2.71 35.35 -31.84
CA GLY B 109 -4.16 35.61 -31.83
C GLY B 109 -4.95 34.61 -30.98
N GLN B 110 -6.27 34.70 -31.00
CA GLN B 110 -7.13 33.81 -30.26
C GLN B 110 -7.41 32.52 -30.99
N GLY B 111 -7.26 32.55 -32.31
CA GLY B 111 -7.53 31.38 -33.12
C GLY B 111 -8.98 31.35 -33.56
N THR B 112 -9.21 30.74 -34.72
CA THR B 112 -10.55 30.54 -35.30
C THR B 112 -10.51 29.07 -35.72
N LEU B 113 -11.51 28.32 -35.31
CA LEU B 113 -11.56 26.89 -35.64
C LEU B 113 -12.17 26.62 -37.02
N VAL B 114 -11.50 25.76 -37.76
CA VAL B 114 -11.96 25.37 -39.10
C VAL B 114 -12.26 23.88 -39.13
N THR B 115 -13.54 23.58 -39.24
CA THR B 115 -14.00 22.22 -39.25
C THR B 115 -14.42 21.83 -40.67
N VAL B 116 -13.50 21.19 -41.38
CA VAL B 116 -13.79 20.73 -42.74
C VAL B 116 -14.53 19.38 -42.68
N SER B 117 -15.77 19.34 -43.18
CA SER B 117 -16.60 18.12 -43.13
C SER B 117 -17.89 18.23 -43.97
N ASP C 1 21.07 10.39 6.68
CA ASP C 1 20.01 11.33 6.29
C ASP C 1 20.54 12.32 5.26
N VAL C 2 21.45 11.84 4.43
CA VAL C 2 21.97 12.66 3.34
C VAL C 2 20.80 12.38 2.36
N VAL C 3 19.99 13.38 2.04
CA VAL C 3 18.85 13.17 1.13
C VAL C 3 19.21 13.10 -0.34
N MET C 4 18.67 12.08 -1.01
CA MET C 4 18.92 11.87 -2.44
C MET C 4 17.67 12.09 -3.30
N THR C 5 17.72 13.12 -4.12
CA THR C 5 16.59 13.47 -4.98
C THR C 5 16.89 13.27 -6.46
N GLN C 6 16.04 12.50 -7.13
CA GLN C 6 16.22 12.24 -8.55
C GLN C 6 15.17 12.94 -9.37
N THR C 7 15.55 13.45 -10.53
CA THR C 7 14.57 14.10 -11.39
C THR C 7 14.86 13.77 -12.85
N PRO C 8 13.80 13.62 -13.69
CA PRO C 8 12.41 13.74 -13.24
C PRO C 8 11.98 12.39 -12.72
N SER C 9 10.76 12.30 -12.20
CA SER C 9 10.27 11.04 -11.66
C SER C 9 10.12 10.05 -12.79
N SER C 10 9.76 10.57 -13.95
CA SER C 10 9.56 9.76 -15.13
C SER C 10 9.58 10.62 -16.36
N LEU C 11 9.99 10.03 -17.48
CA LEU C 11 10.06 10.73 -18.76
C LEU C 11 9.95 9.71 -19.89
N ALA C 12 9.34 10.15 -20.99
CA ALA C 12 9.16 9.32 -22.17
C ALA C 12 10.06 9.91 -23.26
N MET C 13 10.88 9.06 -23.85
CA MET C 13 11.84 9.43 -24.89
C MET C 13 11.65 8.49 -26.06
N SER C 14 12.36 8.78 -27.15
CA SER C 14 12.32 7.94 -28.34
C SER C 14 13.72 7.44 -28.65
N VAL C 15 13.76 6.24 -29.23
CA VAL C 15 15.02 5.58 -29.58
C VAL C 15 15.98 6.51 -30.33
N GLY C 16 17.27 6.35 -30.06
CA GLY C 16 18.26 7.18 -30.72
C GLY C 16 18.50 8.50 -30.04
N GLN C 17 17.56 8.95 -29.23
CA GLN C 17 17.72 10.22 -28.52
C GLN C 17 18.68 10.16 -27.34
N LYS C 18 19.14 11.33 -26.90
CA LYS C 18 20.05 11.43 -25.77
C LYS C 18 19.25 11.69 -24.50
N VAL C 19 19.38 10.78 -23.55
CA VAL C 19 18.69 10.88 -22.29
C VAL C 19 19.60 11.48 -21.24
N THR C 20 18.97 12.22 -20.32
CA THR C 20 19.70 12.87 -19.24
C THR C 20 18.87 12.81 -17.97
N MET C 21 19.43 12.26 -16.90
CA MET C 21 18.70 12.24 -15.66
C MET C 21 19.60 12.62 -14.52
N SER C 22 19.06 13.45 -13.64
CA SER C 22 19.76 13.97 -12.49
C SER C 22 19.53 13.27 -11.16
N CYS C 23 20.47 13.47 -10.26
CA CYS C 23 20.44 12.92 -8.91
C CYS C 23 21.17 13.93 -8.02
N LYS C 24 20.53 14.37 -6.93
CA LYS C 24 21.16 15.35 -6.04
C LYS C 24 21.16 15.02 -4.56
N SER C 25 22.31 15.21 -3.91
CA SER C 25 22.43 14.96 -2.47
C SER C 25 22.39 16.26 -1.70
N SER C 26 21.82 16.17 -0.51
CA SER C 26 21.69 17.32 0.37
C SER C 26 23.06 17.77 0.86
N GLN C 27 24.10 16.96 0.63
CA GLN C 27 25.47 17.27 1.08
C GLN C 27 26.49 16.71 0.11
N SER C 28 27.69 17.31 0.07
CA SER C 28 28.74 16.85 -0.83
C SER C 28 29.11 15.42 -0.56
N LEU C 29 29.33 14.67 -1.65
CA LEU C 29 29.70 13.26 -1.58
C LEU C 29 31.13 13.08 -2.07
N LEU C 30 31.87 14.18 -2.13
CA LEU C 30 33.26 14.13 -2.56
C LEU C 30 34.14 13.92 -1.35
N ASN C 31 34.98 12.89 -1.42
CA ASN C 31 35.86 12.61 -0.32
C ASN C 31 37.15 13.42 -0.44
N ILE C 32 37.44 14.14 0.64
CA ILE C 32 38.62 14.99 0.76
C ILE C 32 39.96 14.27 0.56
N SER C 33 40.14 13.13 1.19
CA SER C 33 41.38 12.37 1.07
C SER C 33 41.76 11.85 -0.33
N ASN C 34 40.77 11.56 -1.15
CA ASN C 34 41.07 10.96 -2.45
C ASN C 34 40.37 11.54 -3.67
N GLN C 35 39.63 12.64 -3.49
CA GLN C 35 38.93 13.29 -4.61
C GLN C 35 38.04 12.36 -5.44
N LYS C 36 37.27 11.55 -4.75
CA LYS C 36 36.34 10.63 -5.40
C LYS C 36 34.95 10.95 -4.84
N ASN C 37 33.94 10.91 -5.72
CA ASN C 37 32.55 11.13 -5.33
C ASN C 37 31.94 9.75 -5.10
N TYR C 38 31.41 9.52 -3.91
CA TYR C 38 30.83 8.23 -3.59
C TYR C 38 29.35 8.15 -3.99
N LEU C 39 29.15 7.91 -5.28
CA LEU C 39 27.84 7.82 -5.89
C LEU C 39 27.74 6.71 -6.93
N ALA C 40 26.72 5.86 -6.76
CA ALA C 40 26.44 4.73 -7.67
C ALA C 40 25.12 4.97 -8.45
N TRP C 41 25.04 4.38 -9.64
CA TRP C 41 23.87 4.46 -10.50
C TRP C 41 23.54 3.04 -10.87
N TYR C 42 22.26 2.69 -10.77
CA TYR C 42 21.79 1.35 -11.03
C TYR C 42 20.64 1.43 -12.01
N GLN C 43 20.40 0.31 -12.69
CA GLN C 43 19.28 0.16 -13.63
C GLN C 43 18.47 -1.05 -13.14
N GLN C 44 17.14 -0.93 -13.26
CA GLN C 44 16.25 -2.03 -12.86
C GLN C 44 15.11 -2.27 -13.86
N LYS C 45 15.15 -3.46 -14.46
CA LYS C 45 14.12 -3.86 -15.41
C LYS C 45 13.10 -4.64 -14.60
N PRO C 46 11.85 -4.73 -15.09
CA PRO C 46 10.80 -5.46 -14.37
C PRO C 46 11.14 -6.89 -13.92
N GLY C 47 10.94 -7.14 -12.62
CA GLY C 47 11.18 -8.45 -12.05
C GLY C 47 12.62 -8.92 -12.00
N GLN C 48 13.56 -7.99 -11.85
CA GLN C 48 14.98 -8.32 -11.75
C GLN C 48 15.56 -7.44 -10.65
N SER C 49 16.69 -7.87 -10.09
CA SER C 49 17.36 -7.09 -9.05
C SER C 49 18.08 -6.00 -9.84
N PRO C 50 18.36 -4.86 -9.19
CA PRO C 50 19.05 -3.80 -9.92
C PRO C 50 20.49 -4.23 -10.28
N LYS C 51 21.08 -3.56 -11.25
CA LYS C 51 22.46 -3.86 -11.59
C LYS C 51 23.21 -2.50 -11.64
N LEU C 52 24.40 -2.47 -11.07
CA LEU C 52 25.23 -1.28 -11.03
C LEU C 52 25.71 -0.91 -12.44
N LEU C 53 25.53 0.34 -12.84
CA LEU C 53 25.98 0.78 -14.15
C LEU C 53 27.23 1.63 -14.00
N VAL C 54 27.27 2.42 -12.91
CA VAL C 54 28.37 3.35 -12.65
C VAL C 54 28.68 3.54 -11.16
N TYR C 55 29.96 3.49 -10.79
CA TYR C 55 30.34 3.77 -9.40
C TYR C 55 31.32 4.92 -9.44
N PHE C 56 31.54 5.54 -8.28
CA PHE C 56 32.44 6.67 -8.14
C PHE C 56 32.01 7.79 -9.11
N ALA C 57 30.69 7.93 -9.26
CA ALA C 57 30.05 8.94 -10.09
C ALA C 57 30.34 8.84 -11.56
N SER C 58 31.48 8.29 -11.93
CA SER C 58 31.81 8.22 -13.33
C SER C 58 32.48 6.96 -13.84
N THR C 59 32.87 6.05 -12.95
CA THR C 59 33.46 4.82 -13.45
C THR C 59 32.36 3.86 -13.89
N ARG C 60 32.41 3.47 -15.15
CA ARG C 60 31.46 2.52 -15.72
C ARG C 60 31.85 1.08 -15.31
N GLU C 61 30.87 0.27 -14.89
CA GLU C 61 31.12 -1.11 -14.49
C GLU C 61 31.38 -2.02 -15.71
N SER C 62 32.06 -3.14 -15.50
CA SER C 62 32.30 -4.09 -16.59
C SER C 62 30.98 -4.52 -17.25
N GLY C 63 30.99 -4.65 -18.58
CA GLY C 63 29.82 -5.08 -19.32
C GLY C 63 28.86 -3.97 -19.66
N VAL C 64 29.04 -2.82 -19.03
CA VAL C 64 28.14 -1.71 -19.31
C VAL C 64 28.52 -0.97 -20.59
N PRO C 65 27.57 -0.81 -21.53
CA PRO C 65 27.76 -0.12 -22.80
C PRO C 65 28.33 1.30 -22.62
N ASP C 66 29.01 1.81 -23.64
CA ASP C 66 29.62 3.15 -23.62
C ASP C 66 28.60 4.26 -23.55
N ARG C 67 27.39 3.99 -24.05
CA ARG C 67 26.35 5.01 -24.09
C ARG C 67 25.92 5.52 -22.73
N PHE C 68 26.16 4.73 -21.68
CA PHE C 68 25.86 5.13 -20.32
C PHE C 68 27.04 5.95 -19.85
N ILE C 69 26.80 7.21 -19.46
CA ILE C 69 27.88 8.08 -19.01
C ILE C 69 27.52 8.82 -17.72
N GLY C 70 28.33 8.60 -16.68
CA GLY C 70 28.08 9.27 -15.40
C GLY C 70 28.95 10.50 -15.21
N SER C 71 28.33 11.62 -14.88
CA SER C 71 29.06 12.85 -14.65
C SER C 71 28.63 13.55 -13.34
N GLY C 72 29.28 14.68 -13.06
CA GLY C 72 28.96 15.46 -11.87
C GLY C 72 29.94 15.24 -10.76
N SER C 73 29.83 16.10 -9.75
CA SER C 73 30.65 16.06 -8.54
C SER C 73 30.01 16.91 -7.45
N GLY C 74 30.35 16.58 -6.21
CA GLY C 74 29.80 17.30 -5.06
C GLY C 74 28.40 16.89 -4.69
N THR C 75 27.41 17.58 -5.23
CA THR C 75 26.01 17.31 -4.93
C THR C 75 25.13 17.05 -6.14
N ASP C 76 25.55 17.52 -7.31
CA ASP C 76 24.74 17.36 -8.50
C ASP C 76 25.35 16.38 -9.47
N PHE C 77 24.67 15.26 -9.68
CA PHE C 77 25.16 14.22 -10.59
C PHE C 77 24.20 13.96 -11.73
N THR C 78 24.70 13.30 -12.75
CA THR C 78 23.90 13.05 -13.92
C THR C 78 24.25 11.77 -14.62
N LEU C 79 23.23 11.04 -15.07
CA LEU C 79 23.42 9.82 -15.82
C LEU C 79 22.89 10.18 -17.20
N THR C 80 23.74 9.99 -18.19
CA THR C 80 23.41 10.32 -19.55
C THR C 80 23.49 9.04 -20.36
N ILE C 81 22.56 8.89 -21.29
CA ILE C 81 22.55 7.74 -22.18
C ILE C 81 22.58 8.41 -23.55
N SER C 82 23.77 8.42 -24.14
CA SER C 82 24.02 9.05 -25.43
C SER C 82 23.03 8.78 -26.58
N SER C 83 22.70 7.52 -26.82
CA SER C 83 21.76 7.19 -27.88
C SER C 83 20.88 6.07 -27.35
N VAL C 84 19.77 6.45 -26.72
CA VAL C 84 18.91 5.47 -26.10
C VAL C 84 18.38 4.37 -26.99
N GLN C 85 18.43 3.15 -26.48
CA GLN C 85 17.92 1.98 -27.19
C GLN C 85 16.68 1.42 -26.49
N ALA C 86 15.89 0.63 -27.20
CA ALA C 86 14.67 0.06 -26.63
C ALA C 86 14.90 -0.65 -25.30
N GLU C 87 15.91 -1.52 -25.26
CA GLU C 87 16.23 -2.28 -24.06
C GLU C 87 16.62 -1.40 -22.86
N ASP C 88 16.67 -0.09 -23.07
CA ASP C 88 17.04 0.81 -22.00
C ASP C 88 15.84 1.23 -21.17
N GLN C 89 14.64 0.94 -21.64
CA GLN C 89 13.46 1.28 -20.86
C GLN C 89 13.68 0.59 -19.50
N ALA C 90 13.58 1.34 -18.41
CA ALA C 90 13.84 0.76 -17.09
C ALA C 90 13.73 1.85 -16.06
N ASP C 91 13.94 1.47 -14.78
CA ASP C 91 13.96 2.41 -13.66
C ASP C 91 15.42 2.65 -13.37
N TYR C 92 15.79 3.89 -13.06
CA TYR C 92 17.18 4.21 -12.78
C TYR C 92 17.29 4.84 -11.41
N PHE C 93 18.21 4.32 -10.60
CA PHE C 93 18.41 4.82 -9.23
C PHE C 93 19.84 5.25 -8.93
N CYS C 94 19.96 6.16 -7.98
CA CYS C 94 21.26 6.59 -7.55
C CYS C 94 21.37 6.31 -6.06
N GLN C 95 22.57 6.00 -5.61
CA GLN C 95 22.75 5.75 -4.21
C GLN C 95 24.09 6.34 -3.77
N GLN C 96 24.10 7.03 -2.63
CA GLN C 96 25.31 7.62 -2.13
C GLN C 96 25.97 6.65 -1.15
N HIS C 97 27.30 6.57 -1.26
CA HIS C 97 28.11 5.70 -0.40
C HIS C 97 29.11 6.48 0.44
N TYR C 98 28.88 7.79 0.58
CA TYR C 98 29.78 8.62 1.35
C TYR C 98 29.64 8.30 2.83
N ARG C 99 28.44 8.47 3.37
CA ARG C 99 28.18 8.21 4.79
C ARG C 99 26.97 7.30 4.95
N ALA C 100 26.93 6.57 6.06
CA ALA C 100 25.80 5.69 6.41
C ALA C 100 24.68 6.51 7.06
N PRO C 101 23.41 6.17 6.78
CA PRO C 101 22.95 5.08 5.92
C PRO C 101 23.16 5.47 4.48
N ARG C 102 23.70 4.55 3.71
CA ARG C 102 23.95 4.80 2.30
C ARG C 102 22.61 4.81 1.58
N THR C 103 21.96 5.96 1.65
CA THR C 103 20.64 6.23 1.06
C THR C 103 20.48 6.18 -0.48
N PHE C 104 19.25 5.87 -0.92
CA PHE C 104 18.90 5.80 -2.35
C PHE C 104 18.04 6.95 -2.81
N GLY C 105 18.03 7.17 -4.11
CA GLY C 105 17.22 8.22 -4.68
C GLY C 105 15.81 7.70 -4.94
N GLY C 106 14.91 8.58 -5.38
CA GLY C 106 13.54 8.19 -5.63
C GLY C 106 13.35 7.29 -6.81
N GLY C 107 14.22 7.43 -7.81
CA GLY C 107 14.15 6.63 -9.02
C GLY C 107 13.58 7.45 -10.16
N THR C 108 14.02 7.13 -11.37
CA THR C 108 13.54 7.80 -12.57
C THR C 108 13.05 6.67 -13.50
N LYS C 109 11.76 6.68 -13.84
CA LYS C 109 11.26 5.64 -14.72
C LYS C 109 11.33 6.14 -16.13
N LEU C 110 12.17 5.51 -16.93
CA LEU C 110 12.38 5.85 -18.32
C LEU C 110 11.51 5.02 -19.25
N GLU C 111 10.63 5.68 -19.99
CA GLU C 111 9.80 4.99 -20.95
C GLU C 111 10.32 5.31 -22.33
N ILE C 112 10.51 4.27 -23.16
CA ILE C 112 10.98 4.44 -24.53
C ILE C 112 9.90 4.04 -25.52
N LYS C 113 9.53 4.98 -26.38
CA LYS C 113 8.50 4.77 -27.40
C LYS C 113 9.06 4.07 -28.64
N GLN D 1 29.82 -17.12 -12.87
CA GLN D 1 30.51 -17.73 -11.70
C GLN D 1 30.07 -17.10 -10.37
N VAL D 2 30.38 -15.83 -10.13
CA VAL D 2 29.97 -15.20 -8.89
C VAL D 2 28.43 -15.16 -8.71
N GLN D 3 27.95 -15.60 -7.54
CA GLN D 3 26.52 -15.62 -7.22
C GLN D 3 26.29 -15.23 -5.77
N LEU D 4 25.27 -14.43 -5.52
CA LEU D 4 24.91 -14.07 -4.15
C LEU D 4 23.47 -14.57 -4.06
N VAL D 5 23.25 -15.56 -3.19
CA VAL D 5 21.93 -16.17 -3.04
C VAL D 5 21.36 -16.00 -1.66
N GLU D 6 20.30 -15.21 -1.57
CA GLU D 6 19.64 -14.94 -0.30
C GLU D 6 18.73 -16.08 -0.01
N SER D 7 18.68 -16.46 1.25
CA SER D 7 17.90 -17.58 1.71
C SER D 7 17.01 -17.00 2.82
N GLY D 8 15.72 -17.30 2.80
CA GLY D 8 14.86 -16.73 3.84
C GLY D 8 13.68 -17.55 4.26
N PRO D 9 12.83 -17.03 5.16
CA PRO D 9 11.63 -17.68 5.69
C PRO D 9 10.39 -17.68 4.84
N GLY D 10 10.28 -16.72 3.93
CA GLY D 10 9.09 -16.60 3.09
C GLY D 10 8.11 -15.76 3.90
N LEU D 11 6.98 -16.34 4.25
CA LEU D 11 6.00 -15.62 5.08
C LEU D 11 6.38 -15.83 6.53
N VAL D 12 6.23 -14.80 7.35
CA VAL D 12 6.53 -14.86 8.79
C VAL D 12 5.50 -14.07 9.55
N ALA D 13 5.17 -14.53 10.74
CA ALA D 13 4.18 -13.86 11.57
C ALA D 13 4.75 -12.57 12.14
N PRO D 14 3.97 -11.46 12.13
CA PRO D 14 4.52 -10.23 12.71
C PRO D 14 4.88 -10.55 14.16
N SER D 15 5.67 -9.70 14.81
CA SER D 15 6.13 -9.94 16.19
C SER D 15 7.37 -10.85 16.15
N GLN D 16 7.34 -11.87 15.29
CA GLN D 16 8.45 -12.80 15.08
C GLN D 16 9.79 -12.12 14.78
N SER D 17 10.84 -12.92 14.77
CA SER D 17 12.16 -12.41 14.41
C SER D 17 12.46 -12.96 13.00
N LEU D 18 13.22 -12.21 12.23
CA LEU D 18 13.58 -12.60 10.87
C LEU D 18 15.03 -13.04 10.73
N SER D 19 15.28 -13.94 9.80
CA SER D 19 16.65 -14.37 9.59
C SER D 19 16.89 -14.69 8.13
N ILE D 20 17.91 -14.03 7.58
CA ILE D 20 18.30 -14.21 6.20
C ILE D 20 19.77 -14.55 6.07
N THR D 21 20.08 -15.36 5.07
CA THR D 21 21.45 -15.75 4.77
C THR D 21 21.80 -15.44 3.34
N CYS D 22 22.95 -14.81 3.15
CA CYS D 22 23.44 -14.48 1.83
C CYS D 22 24.53 -15.49 1.59
N THR D 23 24.30 -16.42 0.67
CA THR D 23 25.29 -17.43 0.36
C THR D 23 26.06 -16.98 -0.89
N VAL D 24 27.32 -16.60 -0.69
CA VAL D 24 28.18 -16.09 -1.75
C VAL D 24 29.07 -17.15 -2.36
N SER D 25 29.41 -16.98 -3.62
CA SER D 25 30.30 -17.93 -4.31
C SER D 25 31.13 -17.12 -5.29
N GLY D 26 32.30 -17.63 -5.64
CA GLY D 26 33.16 -16.95 -6.60
C GLY D 26 34.05 -15.83 -6.11
N ILE D 27 33.84 -15.34 -4.91
CA ILE D 27 34.68 -14.26 -4.40
C ILE D 27 35.03 -14.48 -2.93
N SER D 28 36.04 -13.73 -2.47
CA SER D 28 36.50 -13.78 -1.11
C SER D 28 35.80 -12.66 -0.32
N LEU D 29 35.25 -12.99 0.85
CA LEU D 29 34.57 -11.98 1.66
C LEU D 29 35.53 -11.03 2.37
N SER D 30 36.84 -11.29 2.25
CA SER D 30 37.88 -10.42 2.84
C SER D 30 38.08 -9.22 1.94
N ARG D 31 38.04 -9.47 0.63
CA ARG D 31 38.22 -8.45 -0.39
C ARG D 31 36.93 -7.73 -0.81
N TYR D 32 35.80 -8.10 -0.22
CA TYR D 32 34.55 -7.47 -0.61
C TYR D 32 33.72 -7.02 0.58
N ASN D 33 32.91 -6.00 0.38
CA ASN D 33 32.00 -5.53 1.43
C ASN D 33 30.62 -5.99 0.99
N VAL D 34 29.80 -6.38 1.95
CA VAL D 34 28.45 -6.85 1.66
C VAL D 34 27.43 -6.04 2.42
N HIS D 35 26.50 -5.48 1.67
CA HIS D 35 25.43 -4.66 2.20
C HIS D 35 24.09 -5.41 2.18
N TRP D 36 23.22 -5.06 3.11
CA TRP D 36 21.89 -5.61 3.15
C TRP D 36 20.98 -4.46 2.73
N VAL D 37 20.20 -4.69 1.68
CA VAL D 37 19.29 -3.70 1.11
C VAL D 37 17.90 -4.35 0.94
N ARG D 38 16.83 -3.56 0.96
CA ARG D 38 15.50 -4.12 0.73
C ARG D 38 14.69 -3.19 -0.14
N GLN D 39 13.76 -3.77 -0.88
CA GLN D 39 12.96 -2.97 -1.75
C GLN D 39 11.50 -3.42 -1.68
N SER D 40 10.59 -2.47 -1.88
CA SER D 40 9.17 -2.73 -1.89
C SER D 40 8.52 -1.61 -2.71
N PRO D 41 7.33 -1.84 -3.26
CA PRO D 41 6.70 -0.79 -4.05
C PRO D 41 6.42 0.50 -3.27
N GLY D 42 6.05 0.38 -1.99
CA GLY D 42 5.76 1.57 -1.21
C GLY D 42 6.92 2.24 -0.47
N LYS D 43 7.92 1.47 -0.09
CA LYS D 43 9.03 2.08 0.64
C LYS D 43 10.18 2.48 -0.26
N GLY D 44 10.24 1.88 -1.45
CA GLY D 44 11.33 2.14 -2.36
C GLY D 44 12.52 1.30 -1.89
N LEU D 45 13.74 1.76 -2.14
CA LEU D 45 14.92 1.05 -1.73
C LEU D 45 15.44 1.61 -0.41
N GLU D 46 15.80 0.72 0.51
CA GLU D 46 16.30 1.12 1.83
C GLU D 46 17.56 0.34 2.16
N TRP D 47 18.59 1.05 2.59
CA TRP D 47 19.85 0.46 2.97
C TRP D 47 19.70 0.02 4.40
N LEU D 48 20.12 -1.20 4.73
CA LEU D 48 19.97 -1.70 6.09
C LEU D 48 21.28 -1.63 6.86
N GLY D 49 22.35 -2.18 6.30
CA GLY D 49 23.63 -2.14 6.97
C GLY D 49 24.62 -2.76 6.02
N MET D 50 25.82 -3.06 6.51
CA MET D 50 26.86 -3.65 5.69
C MET D 50 27.96 -4.16 6.58
N ILE D 51 28.76 -5.06 6.06
CA ILE D 51 29.92 -5.56 6.79
C ILE D 51 31.11 -5.44 5.82
N TRP D 52 32.21 -4.90 6.33
CA TRP D 52 33.41 -4.69 5.54
C TRP D 52 34.22 -5.94 5.37
N GLY D 53 35.03 -5.98 4.30
CA GLY D 53 35.88 -7.13 4.08
C GLY D 53 36.68 -7.42 5.34
N GLY D 54 36.98 -6.35 6.09
CA GLY D 54 37.75 -6.49 7.31
C GLY D 54 36.90 -6.47 8.56
N GLY D 55 35.90 -7.36 8.62
CA GLY D 55 35.04 -7.47 9.79
C GLY D 55 34.30 -6.27 10.39
N SER D 56 34.57 -5.06 9.93
CA SER D 56 33.90 -3.88 10.48
C SER D 56 32.40 -3.84 10.10
N ILE D 57 31.55 -3.39 11.00
CA ILE D 57 30.10 -3.36 10.74
C ILE D 57 29.37 -2.02 10.92
N GLU D 58 28.44 -1.72 10.01
CA GLU D 58 27.64 -0.51 10.06
C GLU D 58 26.18 -0.82 9.87
N TYR D 59 25.34 -0.07 10.59
CA TYR D 59 23.90 -0.27 10.56
C TYR D 59 23.20 1.00 10.17
N ASN D 60 21.99 0.85 9.65
CA ASN D 60 21.19 2.00 9.30
C ASN D 60 20.67 2.41 10.69
N PRO D 61 21.06 3.60 11.17
CA PRO D 61 20.64 4.10 12.48
C PRO D 61 19.18 3.79 12.81
N ALA D 62 18.26 4.24 11.97
CA ALA D 62 16.85 3.99 12.22
C ALA D 62 16.55 2.55 12.71
N LEU D 63 17.16 1.56 12.08
CA LEU D 63 16.91 0.16 12.45
C LEU D 63 18.04 -0.49 13.25
N LYS D 64 19.06 0.27 13.61
CA LYS D 64 20.20 -0.27 14.35
C LYS D 64 19.75 -1.15 15.50
N SER D 65 18.65 -0.73 16.16
CA SER D 65 18.08 -1.42 17.31
C SER D 65 17.51 -2.82 17.08
N ARG D 66 17.00 -3.09 15.87
CA ARG D 66 16.41 -4.40 15.60
C ARG D 66 17.29 -5.28 14.75
N LEU D 67 18.33 -4.69 14.17
CA LEU D 67 19.24 -5.40 13.27
C LEU D 67 20.50 -5.94 13.90
N SER D 68 20.97 -7.04 13.33
CA SER D 68 22.20 -7.69 13.74
C SER D 68 22.81 -8.31 12.48
N ILE D 69 24.01 -7.87 12.11
CA ILE D 69 24.69 -8.41 10.92
C ILE D 69 25.99 -9.11 11.33
N SER D 70 26.29 -10.24 10.70
CA SER D 70 27.53 -10.98 10.97
C SER D 70 28.01 -11.74 9.73
N LYS D 71 29.10 -12.49 9.84
CA LYS D 71 29.59 -13.25 8.70
C LYS D 71 30.50 -14.44 9.07
N ASP D 72 30.66 -15.36 8.12
CA ASP D 72 31.50 -16.53 8.29
C ASP D 72 32.28 -16.72 6.98
N ASN D 73 33.53 -16.23 6.94
CA ASN D 73 34.38 -16.33 5.74
C ASN D 73 34.66 -17.74 5.29
N SER D 74 34.72 -18.65 6.25
CA SER D 74 35.00 -20.04 5.91
C SER D 74 33.85 -20.65 5.11
N LYS D 75 32.65 -20.12 5.32
CA LYS D 75 31.49 -20.61 4.60
C LYS D 75 31.06 -19.60 3.55
N SER D 76 31.71 -18.43 3.54
CA SER D 76 31.41 -17.35 2.61
C SER D 76 29.93 -16.96 2.74
N GLN D 77 29.45 -16.92 3.97
CA GLN D 77 28.06 -16.53 4.24
C GLN D 77 27.94 -15.28 5.09
N ILE D 78 26.88 -14.51 4.84
CA ILE D 78 26.62 -13.26 5.56
C ILE D 78 25.21 -13.39 6.13
N PHE D 79 25.03 -12.92 7.36
CA PHE D 79 23.74 -13.04 8.00
C PHE D 79 23.17 -11.72 8.43
N LEU D 80 21.85 -11.67 8.42
CA LEU D 80 21.11 -10.50 8.89
C LEU D 80 20.05 -11.07 9.80
N LYS D 81 19.79 -10.37 10.88
CA LYS D 81 18.79 -10.79 11.83
C LYS D 81 18.02 -9.52 12.18
N MET D 82 16.72 -9.52 11.94
CA MET D 82 15.90 -8.36 12.24
C MET D 82 14.78 -8.74 13.20
N ASN D 83 14.67 -7.98 14.30
CA ASN D 83 13.68 -8.24 15.35
C ASN D 83 12.38 -7.52 15.36
N SER D 84 11.44 -8.14 16.09
CA SER D 84 10.09 -7.63 16.28
C SER D 84 9.54 -7.09 14.99
N LEU D 85 9.36 -8.00 14.05
CA LEU D 85 8.86 -7.63 12.75
C LEU D 85 7.50 -7.02 12.82
N GLN D 86 7.19 -6.16 11.88
CA GLN D 86 5.84 -5.63 11.78
C GLN D 86 5.52 -5.75 10.30
N THR D 87 4.25 -5.57 9.93
CA THR D 87 3.80 -5.71 8.55
C THR D 87 4.44 -4.77 7.52
N ASP D 88 4.80 -3.56 7.95
CA ASP D 88 5.44 -2.59 7.09
C ASP D 88 6.90 -2.97 6.79
N ASP D 89 7.26 -4.23 7.07
CA ASP D 89 8.61 -4.76 6.84
C ASP D 89 8.66 -5.78 5.70
N SER D 90 7.50 -6.11 5.13
CA SER D 90 7.50 -7.04 4.00
C SER D 90 8.34 -6.33 2.91
N ALA D 91 9.26 -7.05 2.29
CA ALA D 91 10.10 -6.47 1.24
C ALA D 91 10.96 -7.57 0.65
N MET D 92 11.51 -7.34 -0.54
CA MET D 92 12.41 -8.27 -1.16
C MET D 92 13.75 -7.86 -0.56
N TYR D 93 14.40 -8.78 0.16
CA TYR D 93 15.69 -8.51 0.79
C TYR D 93 16.85 -8.95 -0.09
N TYR D 94 17.86 -8.10 -0.19
CA TYR D 94 19.01 -8.40 -1.03
C TYR D 94 20.31 -8.14 -0.31
N CYS D 95 21.33 -8.90 -0.71
CA CYS D 95 22.68 -8.68 -0.23
C CYS D 95 23.42 -8.25 -1.49
N VAL D 96 24.27 -7.24 -1.34
CA VAL D 96 25.01 -6.69 -2.45
C VAL D 96 26.49 -6.55 -2.08
N SER D 97 27.37 -7.03 -2.95
CA SER D 97 28.78 -6.95 -2.68
C SER D 97 29.43 -5.99 -3.63
N TYR D 98 30.47 -5.34 -3.13
CA TYR D 98 31.29 -4.37 -3.85
C TYR D 98 32.73 -4.63 -3.43
N GLY D 99 33.65 -4.61 -4.39
CA GLY D 99 35.04 -4.82 -4.09
C GLY D 99 35.87 -5.09 -5.32
N TYR D 100 37.19 -5.06 -5.13
CA TYR D 100 38.13 -5.33 -6.22
C TYR D 100 38.57 -6.79 -6.01
N GLY D 101 38.70 -7.53 -7.10
CA GLY D 101 39.09 -8.93 -6.95
C GLY D 101 38.16 -9.87 -7.70
N GLY D 102 37.43 -9.31 -8.65
CA GLY D 102 36.50 -10.09 -9.46
C GLY D 102 36.37 -9.40 -10.81
N ASP D 103 35.70 -10.06 -11.75
CA ASP D 103 35.52 -9.49 -13.07
C ASP D 103 34.41 -8.44 -13.09
N ARG D 104 34.11 -7.92 -11.91
CA ARG D 104 33.11 -6.91 -11.66
C ARG D 104 33.35 -6.30 -10.28
N PHE D 105 32.91 -5.06 -10.14
CA PHE D 105 33.05 -4.35 -8.90
C PHE D 105 31.89 -4.69 -7.98
N SER D 106 30.71 -4.90 -8.58
CA SER D 106 29.53 -5.18 -7.79
C SER D 106 28.70 -6.37 -8.26
N TYR D 107 28.10 -7.03 -7.31
CA TYR D 107 27.21 -8.14 -7.59
C TYR D 107 26.05 -7.88 -6.65
N TRP D 108 24.84 -7.84 -7.23
CA TRP D 108 23.62 -7.64 -6.46
C TRP D 108 22.97 -9.02 -6.36
N GLY D 109 22.47 -9.38 -5.17
CA GLY D 109 21.85 -10.69 -5.03
C GLY D 109 20.54 -10.90 -5.77
N GLN D 110 20.04 -12.14 -5.72
CA GLN D 110 18.80 -12.51 -6.37
C GLN D 110 17.56 -12.00 -5.65
N GLY D 111 17.68 -11.86 -4.34
CA GLY D 111 16.59 -11.40 -3.52
C GLY D 111 15.78 -12.54 -2.95
N THR D 112 15.30 -12.36 -1.74
CA THR D 112 14.44 -13.33 -1.07
C THR D 112 13.26 -12.50 -0.55
N LEU D 113 12.05 -12.82 -1.02
CA LEU D 113 10.85 -12.11 -0.60
C LEU D 113 10.46 -12.49 0.81
N VAL D 114 10.22 -11.48 1.62
CA VAL D 114 9.82 -11.68 3.01
C VAL D 114 8.44 -11.07 3.12
N THR D 115 7.46 -11.92 3.43
CA THR D 115 6.08 -11.47 3.55
C THR D 115 5.61 -11.57 4.99
N VAL D 116 5.65 -10.46 5.73
CA VAL D 116 5.22 -10.43 7.14
C VAL D 116 3.68 -10.39 7.17
N SER D 117 3.08 -11.52 7.51
CA SER D 117 1.63 -11.62 7.54
C SER D 117 1.10 -12.59 8.61
N ASP E 1 -19.46 -13.75 14.27
CA ASP E 1 -19.32 -15.00 13.47
C ASP E 1 -19.10 -16.24 14.35
N VAL E 2 -19.34 -17.42 13.79
CA VAL E 2 -19.16 -18.68 14.52
C VAL E 2 -17.64 -18.89 14.76
N VAL E 3 -17.26 -19.20 16.01
CA VAL E 3 -15.85 -19.42 16.38
C VAL E 3 -15.41 -20.89 16.41
N MET E 4 -14.35 -21.21 15.68
CA MET E 4 -13.82 -22.58 15.64
C MET E 4 -12.58 -22.72 16.51
N THR E 5 -12.65 -23.61 17.49
CA THR E 5 -11.54 -23.82 18.42
C THR E 5 -11.02 -25.26 18.30
N GLN E 6 -9.77 -25.41 17.86
CA GLN E 6 -9.18 -26.74 17.73
C GLN E 6 -8.18 -26.99 18.83
N THR E 7 -8.07 -28.24 19.26
CA THR E 7 -7.13 -28.61 20.32
C THR E 7 -6.71 -30.08 20.17
N PRO E 8 -5.47 -30.41 20.53
CA PRO E 8 -4.44 -29.49 21.05
C PRO E 8 -3.81 -28.76 19.87
N SER E 9 -3.06 -27.70 20.16
CA SER E 9 -2.41 -26.95 19.10
C SER E 9 -1.44 -27.85 18.35
N SER E 10 -0.70 -28.64 19.12
CA SER E 10 0.27 -29.56 18.53
C SER E 10 0.37 -30.80 19.39
N LEU E 11 0.88 -31.86 18.80
CA LEU E 11 1.04 -33.09 19.53
C LEU E 11 2.04 -33.94 18.77
N ALA E 12 2.89 -34.61 19.54
CA ALA E 12 3.90 -35.49 18.98
C ALA E 12 3.47 -36.92 19.26
N MET E 13 3.44 -37.72 18.21
CA MET E 13 3.07 -39.12 18.30
C MET E 13 4.12 -40.00 17.62
N SER E 14 3.87 -41.30 17.65
CA SER E 14 4.75 -42.29 17.05
C SER E 14 3.90 -43.14 16.10
N VAL E 15 4.47 -43.52 14.96
CA VAL E 15 3.78 -44.32 13.95
C VAL E 15 2.96 -45.46 14.56
N GLY E 16 1.88 -45.85 13.89
CA GLY E 16 1.04 -46.92 14.41
C GLY E 16 0.10 -46.47 15.50
N GLN E 17 0.50 -45.49 16.32
CA GLN E 17 -0.35 -44.98 17.41
C GLN E 17 -1.66 -44.39 16.86
N LYS E 18 -2.59 -44.16 17.78
CA LYS E 18 -3.90 -43.60 17.43
C LYS E 18 -3.93 -42.10 17.79
N VAL E 19 -4.33 -41.26 16.84
CA VAL E 19 -4.40 -39.84 17.08
C VAL E 19 -5.83 -39.36 17.09
N THR E 20 -6.07 -38.40 17.98
CA THR E 20 -7.37 -37.80 18.19
C THR E 20 -7.27 -36.29 18.31
N MET E 21 -7.94 -35.57 17.42
CA MET E 21 -7.94 -34.11 17.50
C MET E 21 -9.35 -33.59 17.41
N SER E 22 -9.65 -32.62 18.28
CA SER E 22 -10.98 -32.02 18.37
C SER E 22 -11.15 -30.70 17.65
N CYS E 23 -12.41 -30.30 17.54
CA CYS E 23 -12.81 -29.04 16.91
C CYS E 23 -14.18 -28.65 17.45
N LYS E 24 -14.23 -27.54 18.15
CA LYS E 24 -15.47 -27.07 18.73
C LYS E 24 -15.93 -25.82 18.01
N SER E 25 -17.24 -25.69 17.85
CA SER E 25 -17.83 -24.51 17.23
C SER E 25 -18.70 -23.87 18.30
N SER E 26 -18.76 -22.54 18.30
CA SER E 26 -19.54 -21.83 19.30
C SER E 26 -21.06 -21.99 19.14
N GLN E 27 -21.49 -22.34 17.92
CA GLN E 27 -22.90 -22.55 17.60
C GLN E 27 -22.97 -23.81 16.76
N SER E 28 -24.11 -24.48 16.81
CA SER E 28 -24.32 -25.73 16.07
C SER E 28 -24.22 -25.56 14.56
N LEU E 29 -23.67 -26.60 13.93
CA LEU E 29 -23.46 -26.69 12.48
C LEU E 29 -24.43 -27.70 11.82
N LEU E 30 -25.40 -28.16 12.60
CA LEU E 30 -26.38 -29.13 12.10
C LEU E 30 -27.52 -28.45 11.36
N ASN E 31 -27.79 -28.96 10.17
CA ASN E 31 -28.85 -28.44 9.34
C ASN E 31 -30.13 -29.30 9.43
N ILE E 32 -31.19 -28.75 10.01
CA ILE E 32 -32.47 -29.46 10.10
C ILE E 32 -33.15 -29.19 8.77
N SER E 33 -32.93 -30.05 7.82
CA SER E 33 -33.50 -29.91 6.49
C SER E 33 -32.86 -31.06 5.79
N ASN E 34 -31.64 -31.37 6.20
CA ASN E 34 -30.93 -32.49 5.63
C ASN E 34 -30.20 -33.28 6.71
N GLN E 35 -30.27 -32.82 7.95
CA GLN E 35 -29.61 -33.49 9.09
C GLN E 35 -28.13 -33.77 8.85
N LYS E 36 -27.52 -32.88 8.07
CA LYS E 36 -26.11 -32.95 7.72
C LYS E 36 -25.40 -31.82 8.44
N ASN E 37 -24.26 -32.16 9.05
CA ASN E 37 -23.41 -31.19 9.75
C ASN E 37 -22.42 -30.59 8.77
N TYR E 38 -22.48 -29.27 8.62
CA TYR E 38 -21.61 -28.55 7.71
C TYR E 38 -20.22 -28.24 8.31
N LEU E 39 -19.37 -29.26 8.32
CA LEU E 39 -18.03 -29.19 8.85
C LEU E 39 -17.03 -29.96 7.99
N ALA E 40 -15.87 -29.34 7.73
CA ALA E 40 -14.82 -29.96 6.92
C ALA E 40 -13.51 -30.04 7.67
N TRP E 41 -12.68 -31.00 7.29
CA TRP E 41 -11.35 -31.16 7.87
C TRP E 41 -10.38 -31.17 6.69
N TYR E 42 -9.27 -30.43 6.83
CA TYR E 42 -8.26 -30.31 5.80
C TYR E 42 -6.87 -30.67 6.36
N GLN E 43 -6.02 -31.20 5.47
CA GLN E 43 -4.64 -31.57 5.80
C GLN E 43 -3.65 -30.68 5.05
N GLN E 44 -2.62 -30.21 5.74
CA GLN E 44 -1.62 -29.36 5.10
C GLN E 44 -0.14 -29.68 5.38
N LYS E 45 0.50 -30.20 4.34
CA LYS E 45 1.91 -30.55 4.35
C LYS E 45 2.61 -29.32 3.76
N PRO E 46 3.85 -29.07 4.18
CA PRO E 46 4.67 -27.94 3.73
C PRO E 46 4.69 -27.62 2.25
N GLY E 47 4.78 -26.33 1.97
CA GLY E 47 4.84 -25.81 0.62
C GLY E 47 3.63 -26.15 -0.23
N GLN E 48 2.58 -26.66 0.42
CA GLN E 48 1.37 -27.04 -0.28
C GLN E 48 0.15 -26.38 0.32
N SER E 49 -0.89 -26.34 -0.51
CA SER E 49 -2.18 -25.81 -0.13
C SER E 49 -2.86 -26.89 0.72
N PRO E 50 -3.84 -26.51 1.55
CA PRO E 50 -4.49 -27.55 2.34
C PRO E 50 -5.32 -28.41 1.39
N LYS E 51 -5.29 -29.72 1.56
CA LYS E 51 -6.11 -30.56 0.72
C LYS E 51 -7.22 -31.13 1.62
N LEU E 52 -8.45 -31.12 1.11
CA LEU E 52 -9.61 -31.61 1.85
C LEU E 52 -9.55 -33.10 2.17
N LEU E 53 -9.94 -33.45 3.40
CA LEU E 53 -9.95 -34.85 3.85
C LEU E 53 -11.36 -35.38 4.06
N VAL E 54 -12.11 -34.72 4.95
CA VAL E 54 -13.46 -35.12 5.32
C VAL E 54 -14.44 -33.95 5.22
N TYR E 55 -15.65 -34.22 4.76
CA TYR E 55 -16.68 -33.18 4.70
C TYR E 55 -17.96 -33.69 5.35
N PHE E 56 -18.92 -32.81 5.56
CA PHE E 56 -20.19 -33.16 6.24
C PHE E 56 -19.85 -33.95 7.50
N ALA E 57 -18.82 -33.46 8.17
CA ALA E 57 -18.30 -34.01 9.42
C ALA E 57 -17.74 -35.40 9.38
N SER E 58 -18.16 -36.23 8.41
CA SER E 58 -17.70 -37.62 8.34
C SER E 58 -17.40 -38.21 6.98
N THR E 59 -17.93 -37.62 5.91
CA THR E 59 -17.71 -38.15 4.56
C THR E 59 -16.27 -37.91 4.07
N ARG E 60 -15.53 -39.00 3.85
CA ARG E 60 -14.15 -38.91 3.36
C ARG E 60 -14.14 -38.43 1.92
N GLU E 61 -13.03 -37.79 1.55
CA GLU E 61 -12.80 -37.28 0.20
C GLU E 61 -12.06 -38.40 -0.55
N SER E 62 -12.18 -38.40 -1.88
CA SER E 62 -11.52 -39.41 -2.70
C SER E 62 -10.07 -39.69 -2.32
N GLY E 63 -9.73 -40.98 -2.30
CA GLY E 63 -8.37 -41.36 -1.98
C GLY E 63 -8.01 -41.17 -0.53
N VAL E 64 -8.94 -40.70 0.29
CA VAL E 64 -8.61 -40.53 1.68
C VAL E 64 -8.65 -41.88 2.42
N PRO E 65 -7.50 -42.30 2.92
CA PRO E 65 -7.34 -43.56 3.65
C PRO E 65 -8.38 -43.77 4.75
N ASP E 66 -8.82 -45.01 4.90
CA ASP E 66 -9.80 -45.39 5.91
C ASP E 66 -9.33 -45.09 7.34
N ARG E 67 -8.03 -44.87 7.52
CA ARG E 67 -7.53 -44.56 8.86
C ARG E 67 -7.95 -43.17 9.34
N PHE E 68 -8.57 -42.38 8.45
CA PHE E 68 -9.05 -41.05 8.78
C PHE E 68 -10.55 -41.05 9.09
N ILE E 69 -10.93 -40.83 10.35
CA ILE E 69 -12.33 -40.88 10.73
C ILE E 69 -12.89 -39.59 11.36
N GLY E 70 -13.83 -39.01 10.62
CA GLY E 70 -14.48 -37.79 11.06
C GLY E 70 -15.72 -38.15 11.85
N SER E 71 -15.93 -37.47 12.96
CA SER E 71 -17.08 -37.74 13.80
C SER E 71 -17.54 -36.51 14.53
N GLY E 72 -18.67 -36.69 15.21
CA GLY E 72 -19.26 -35.63 15.99
C GLY E 72 -20.40 -34.99 15.23
N SER E 73 -21.11 -34.13 15.95
CA SER E 73 -22.21 -33.37 15.41
C SER E 73 -22.60 -32.24 16.38
N GLY E 74 -23.29 -31.24 15.87
CA GLY E 74 -23.67 -30.13 16.70
C GLY E 74 -22.53 -29.13 16.79
N THR E 75 -21.78 -29.22 17.89
CA THR E 75 -20.67 -28.32 18.14
C THR E 75 -19.38 -29.02 18.53
N ASP E 76 -19.41 -30.33 18.75
CA ASP E 76 -18.19 -31.02 19.11
C ASP E 76 -17.85 -32.03 18.03
N PHE E 77 -16.73 -31.79 17.35
CA PHE E 77 -16.28 -32.68 16.30
C PHE E 77 -14.87 -33.17 16.57
N THR E 78 -14.52 -34.29 15.93
CA THR E 78 -13.22 -34.93 16.12
C THR E 78 -12.74 -35.59 14.85
N LEU E 79 -11.45 -35.44 14.56
CA LEU E 79 -10.85 -36.12 13.43
C LEU E 79 -9.95 -37.12 14.12
N THR E 80 -10.10 -38.39 13.78
CA THR E 80 -9.31 -39.44 14.39
C THR E 80 -8.61 -40.28 13.36
N ILE E 81 -7.32 -40.51 13.59
CA ILE E 81 -6.53 -41.37 12.72
C ILE E 81 -6.29 -42.58 13.62
N SER E 82 -6.92 -43.70 13.26
CA SER E 82 -6.83 -44.96 14.01
C SER E 82 -5.39 -45.39 14.31
N SER E 83 -4.58 -45.50 13.25
CA SER E 83 -3.17 -45.86 13.39
C SER E 83 -2.40 -45.00 12.41
N VAL E 84 -1.69 -44.00 12.91
CA VAL E 84 -0.93 -43.11 12.04
C VAL E 84 0.20 -43.76 11.28
N GLN E 85 0.79 -42.95 10.43
CA GLN E 85 1.92 -43.35 9.61
C GLN E 85 2.83 -42.14 9.47
N ALA E 86 3.94 -42.29 8.74
CA ALA E 86 4.88 -41.18 8.58
C ALA E 86 4.29 -39.99 7.83
N GLU E 87 3.83 -40.29 6.62
CA GLU E 87 3.22 -39.32 5.69
C GLU E 87 2.08 -38.47 6.26
N ASP E 88 1.45 -38.95 7.33
CA ASP E 88 0.35 -38.24 7.99
C ASP E 88 0.82 -37.02 8.80
N GLN E 89 2.13 -36.82 8.86
CA GLN E 89 2.67 -35.66 9.58
C GLN E 89 2.22 -34.41 8.82
N ALA E 90 1.39 -33.58 9.46
CA ALA E 90 0.90 -32.39 8.79
C ALA E 90 0.17 -31.47 9.75
N ASP E 91 -0.53 -30.50 9.18
CA ASP E 91 -1.33 -29.56 9.95
C ASP E 91 -2.78 -29.89 9.61
N TYR E 92 -3.64 -29.87 10.62
CA TYR E 92 -5.04 -30.18 10.41
C TYR E 92 -5.94 -29.05 10.83
N PHE E 93 -6.86 -28.70 9.93
CA PHE E 93 -7.82 -27.62 10.18
C PHE E 93 -9.23 -28.07 10.00
N CYS E 94 -10.14 -27.41 10.69
CA CYS E 94 -11.57 -27.68 10.55
C CYS E 94 -12.14 -26.34 10.16
N GLN E 95 -13.14 -26.36 9.29
CA GLN E 95 -13.79 -25.14 8.84
C GLN E 95 -15.28 -25.41 8.82
N GLN E 96 -16.08 -24.49 9.35
CA GLN E 96 -17.52 -24.68 9.34
C GLN E 96 -18.10 -24.10 8.04
N HIS E 97 -19.13 -24.75 7.51
CA HIS E 97 -19.78 -24.28 6.28
C HIS E 97 -21.26 -23.97 6.46
N TYR E 98 -21.70 -23.95 7.72
CA TYR E 98 -23.07 -23.67 8.03
C TYR E 98 -23.41 -22.20 7.73
N ARG E 99 -22.63 -21.25 8.23
CA ARG E 99 -22.90 -19.80 7.99
C ARG E 99 -21.71 -19.01 7.46
N ALA E 100 -22.01 -17.85 6.87
CA ALA E 100 -20.97 -16.94 6.40
C ALA E 100 -20.66 -16.06 7.62
N PRO E 101 -19.37 -15.83 7.92
CA PRO E 101 -18.16 -16.24 7.20
C PRO E 101 -17.82 -17.68 7.61
N ARG E 102 -17.45 -18.48 6.63
CA ARG E 102 -17.12 -19.88 6.83
C ARG E 102 -15.81 -19.94 7.60
N THR E 103 -15.86 -19.69 8.90
CA THR E 103 -14.65 -19.66 9.71
C THR E 103 -13.83 -20.94 9.83
N PHE E 104 -12.51 -20.79 10.04
CA PHE E 104 -11.55 -21.90 10.18
C PHE E 104 -11.07 -22.11 11.61
N GLY E 105 -10.59 -23.31 11.87
CA GLY E 105 -10.07 -23.61 13.18
C GLY E 105 -8.64 -23.14 13.20
N GLY E 106 -8.03 -23.22 14.39
CA GLY E 106 -6.65 -22.79 14.57
C GLY E 106 -5.63 -23.79 14.10
N GLY E 107 -6.04 -25.03 13.92
CA GLY E 107 -5.15 -26.07 13.46
C GLY E 107 -4.48 -26.87 14.57
N THR E 108 -4.07 -28.09 14.21
CA THR E 108 -3.35 -29.02 15.09
C THR E 108 -2.11 -29.47 14.30
N LYS E 109 -0.91 -29.21 14.85
CA LYS E 109 0.33 -29.61 14.20
C LYS E 109 0.69 -31.04 14.65
N LEU E 110 0.57 -31.96 13.70
CA LEU E 110 0.83 -33.37 13.94
C LEU E 110 2.26 -33.83 13.68
N GLU E 111 2.96 -34.04 14.80
CA GLU E 111 4.35 -34.48 14.82
C GLU E 111 4.51 -35.99 14.74
N ILE E 112 5.12 -36.47 13.66
CA ILE E 112 5.37 -37.88 13.54
C ILE E 112 6.86 -38.02 13.85
N LYS E 113 7.17 -38.72 14.94
CA LYS E 113 8.55 -38.96 15.38
C LYS E 113 9.13 -40.11 14.58
N GLN F 1 -6.24 -33.80 -14.12
CA GLN F 1 -6.49 -32.82 -15.23
C GLN F 1 -7.31 -31.61 -14.77
N VAL F 2 -7.54 -31.48 -13.46
CA VAL F 2 -8.31 -30.36 -12.91
C VAL F 2 -7.37 -29.36 -12.28
N GLN F 3 -7.53 -28.07 -12.62
CA GLN F 3 -6.68 -27.04 -12.06
C GLN F 3 -7.38 -25.73 -11.79
N LEU F 4 -7.02 -25.16 -10.64
CA LEU F 4 -7.51 -23.85 -10.22
C LEU F 4 -6.20 -23.10 -10.16
N VAL F 5 -6.05 -22.11 -11.02
CA VAL F 5 -4.81 -21.35 -11.04
C VAL F 5 -5.07 -19.87 -10.78
N GLU F 6 -4.55 -19.40 -9.65
CA GLU F 6 -4.73 -18.00 -9.30
C GLU F 6 -3.56 -17.21 -9.85
N SER F 7 -3.84 -15.99 -10.30
CA SER F 7 -2.84 -15.10 -10.83
C SER F 7 -3.07 -13.74 -10.15
N GLY F 8 -1.99 -13.11 -9.64
CA GLY F 8 -2.13 -11.82 -8.96
C GLY F 8 -0.94 -10.91 -9.20
N PRO F 9 -0.86 -9.74 -8.52
CA PRO F 9 0.22 -8.75 -8.64
C PRO F 9 1.54 -9.03 -7.94
N GLY F 10 1.52 -9.96 -6.97
CA GLY F 10 2.75 -10.25 -6.25
C GLY F 10 2.96 -9.17 -5.21
N LEU F 11 4.06 -8.42 -5.33
CA LEU F 11 4.40 -7.32 -4.41
C LEU F 11 3.56 -6.09 -4.80
N VAL F 12 2.88 -5.50 -3.82
CA VAL F 12 1.98 -4.37 -4.06
C VAL F 12 2.04 -3.32 -2.97
N ALA F 13 1.95 -2.06 -3.37
CA ALA F 13 1.99 -0.94 -2.45
C ALA F 13 0.65 -0.75 -1.76
N PRO F 14 0.64 -0.35 -0.49
CA PRO F 14 -0.61 -0.13 0.24
C PRO F 14 -1.49 0.92 -0.48
N SER F 15 -2.77 1.02 -0.11
CA SER F 15 -3.67 1.99 -0.72
C SER F 15 -4.03 1.67 -2.18
N GLN F 16 -3.62 0.50 -2.65
CA GLN F 16 -3.93 0.08 -4.02
C GLN F 16 -5.10 -0.90 -4.05
N SER F 17 -5.58 -1.17 -5.26
CA SER F 17 -6.69 -2.08 -5.45
C SER F 17 -6.14 -3.42 -5.88
N LEU F 18 -6.45 -4.46 -5.13
CA LEU F 18 -6.01 -5.80 -5.49
C LEU F 18 -7.02 -6.39 -6.45
N SER F 19 -6.54 -7.24 -7.36
CA SER F 19 -7.41 -7.92 -8.31
C SER F 19 -6.82 -9.30 -8.66
N ILE F 20 -7.57 -10.35 -8.32
CA ILE F 20 -7.15 -11.72 -8.58
C ILE F 20 -8.13 -12.43 -9.50
N THR F 21 -7.60 -13.35 -10.29
CA THR F 21 -8.38 -14.13 -11.22
C THR F 21 -8.01 -15.58 -11.01
N CYS F 22 -9.03 -16.35 -10.69
CA CYS F 22 -8.87 -17.76 -10.50
C CYS F 22 -9.26 -18.34 -11.84
N THR F 23 -8.31 -18.99 -12.52
CA THR F 23 -8.59 -19.59 -13.80
C THR F 23 -8.74 -21.08 -13.57
N VAL F 24 -9.94 -21.58 -13.86
CA VAL F 24 -10.27 -22.98 -13.66
C VAL F 24 -10.39 -23.74 -14.98
N SER F 25 -10.10 -25.04 -14.90
CA SER F 25 -10.19 -25.92 -16.03
C SER F 25 -10.26 -27.34 -15.46
N GLY F 26 -11.27 -28.09 -15.89
CA GLY F 26 -11.45 -29.44 -15.41
C GLY F 26 -12.87 -29.65 -14.98
N ILE F 27 -13.52 -28.56 -14.57
CA ILE F 27 -14.90 -28.59 -14.10
C ILE F 27 -15.63 -27.41 -14.71
N SER F 28 -16.90 -27.23 -14.32
CA SER F 28 -17.68 -26.10 -14.83
C SER F 28 -18.17 -25.28 -13.64
N LEU F 29 -18.04 -23.97 -13.75
CA LEU F 29 -18.41 -23.08 -12.66
C LEU F 29 -19.89 -23.05 -12.25
N SER F 30 -20.77 -23.62 -13.08
CA SER F 30 -22.21 -23.67 -12.78
C SER F 30 -22.52 -24.95 -11.98
N ARG F 31 -21.57 -25.88 -12.01
CA ARG F 31 -21.63 -27.18 -11.36
C ARG F 31 -20.93 -27.18 -9.97
N TYR F 32 -19.92 -26.33 -9.82
CA TYR F 32 -19.16 -26.23 -8.57
C TYR F 32 -19.30 -24.85 -7.90
N ASN F 33 -18.96 -24.79 -6.62
CA ASN F 33 -19.00 -23.55 -5.84
C ASN F 33 -17.56 -23.09 -5.61
N VAL F 34 -17.27 -21.82 -5.86
CA VAL F 34 -15.91 -21.31 -5.68
C VAL F 34 -15.78 -20.30 -4.55
N HIS F 35 -14.82 -20.58 -3.68
CA HIS F 35 -14.57 -19.75 -2.51
C HIS F 35 -13.22 -19.05 -2.60
N TRP F 36 -13.14 -17.87 -2.00
CA TRP F 36 -11.89 -17.09 -1.93
C TRP F 36 -11.40 -17.15 -0.50
N VAL F 37 -10.25 -17.78 -0.29
CA VAL F 37 -9.68 -17.93 1.04
C VAL F 37 -8.23 -17.43 1.03
N ARG F 38 -7.73 -16.96 2.17
CA ARG F 38 -6.33 -16.51 2.25
C ARG F 38 -5.64 -17.07 3.50
N GLN F 39 -4.34 -17.35 3.42
CA GLN F 39 -3.62 -17.89 4.57
C GLN F 39 -2.37 -17.08 4.88
N SER F 40 -2.03 -17.01 6.15
CA SER F 40 -0.84 -16.29 6.59
C SER F 40 -0.47 -16.90 7.92
N PRO F 41 0.83 -16.94 8.26
CA PRO F 41 1.20 -17.52 9.55
C PRO F 41 0.62 -16.71 10.73
N GLY F 42 0.57 -15.39 10.62
CA GLY F 42 0.00 -14.59 11.69
C GLY F 42 -1.53 -14.54 11.74
N LYS F 43 -2.17 -14.46 10.56
CA LYS F 43 -3.61 -14.37 10.47
C LYS F 43 -4.34 -15.69 10.36
N GLY F 44 -3.62 -16.74 9.95
CA GLY F 44 -4.23 -18.04 9.80
C GLY F 44 -5.03 -18.09 8.52
N LEU F 45 -6.04 -18.97 8.50
CA LEU F 45 -6.91 -19.14 7.34
C LEU F 45 -8.13 -18.25 7.49
N GLU F 46 -8.40 -17.45 6.47
CA GLU F 46 -9.52 -16.53 6.50
C GLU F 46 -10.41 -16.65 5.28
N TRP F 47 -11.70 -16.80 5.53
CA TRP F 47 -12.67 -16.92 4.47
C TRP F 47 -13.02 -15.52 3.96
N LEU F 48 -12.79 -15.26 2.69
CA LEU F 48 -13.08 -13.94 2.15
C LEU F 48 -14.49 -13.84 1.61
N GLY F 49 -14.88 -14.81 0.80
CA GLY F 49 -16.21 -14.83 0.22
C GLY F 49 -16.37 -16.06 -0.62
N MET F 50 -17.46 -16.12 -1.38
CA MET F 50 -17.73 -17.27 -2.26
C MET F 50 -18.81 -16.88 -3.25
N ILE F 51 -18.81 -17.57 -4.38
CA ILE F 51 -19.82 -17.39 -5.42
C ILE F 51 -20.38 -18.77 -5.79
N TRP F 52 -21.68 -18.97 -5.54
CA TRP F 52 -22.35 -20.24 -5.83
C TRP F 52 -22.36 -20.56 -7.32
N GLY F 53 -22.37 -21.85 -7.65
CA GLY F 53 -22.42 -22.24 -9.06
C GLY F 53 -23.60 -21.58 -9.75
N GLY F 54 -24.64 -21.28 -8.95
CA GLY F 54 -25.84 -20.64 -9.46
C GLY F 54 -25.78 -19.11 -9.42
N GLY F 55 -24.57 -18.57 -9.39
CA GLY F 55 -24.41 -17.12 -9.40
C GLY F 55 -24.60 -16.31 -8.13
N SER F 56 -25.15 -16.89 -7.06
CA SER F 56 -25.32 -16.12 -5.83
C SER F 56 -23.95 -15.80 -5.19
N ILE F 57 -23.81 -14.60 -4.62
CA ILE F 57 -22.53 -14.15 -4.04
C ILE F 57 -22.51 -13.78 -2.56
N GLU F 58 -21.60 -14.38 -1.79
CA GLU F 58 -21.48 -14.05 -0.36
C GLU F 58 -20.10 -13.43 -0.06
N TYR F 59 -20.07 -12.55 0.94
CA TYR F 59 -18.86 -11.86 1.36
C TYR F 59 -18.64 -12.03 2.85
N ASN F 60 -17.40 -11.96 3.29
CA ASN F 60 -17.10 -12.01 4.71
C ASN F 60 -17.67 -10.66 5.20
N PRO F 61 -18.63 -10.67 6.15
CA PRO F 61 -19.19 -9.39 6.61
C PRO F 61 -18.17 -8.32 6.97
N ALA F 62 -17.09 -8.70 7.62
CA ALA F 62 -16.04 -7.76 8.01
C ALA F 62 -15.39 -6.97 6.86
N LEU F 63 -15.21 -7.60 5.71
CA LEU F 63 -14.54 -6.98 4.57
C LEU F 63 -15.44 -6.66 3.40
N LYS F 64 -16.74 -6.92 3.55
CA LYS F 64 -17.70 -6.69 2.46
C LYS F 64 -17.55 -5.35 1.75
N SER F 65 -17.40 -4.31 2.56
CA SER F 65 -17.26 -2.94 2.06
C SER F 65 -16.14 -2.77 1.03
N ARG F 66 -15.12 -3.62 1.15
CA ARG F 66 -13.95 -3.55 0.28
C ARG F 66 -13.92 -4.63 -0.78
N LEU F 67 -14.79 -5.62 -0.65
CA LEU F 67 -14.79 -6.71 -1.61
C LEU F 67 -15.74 -6.65 -2.76
N SER F 68 -15.39 -7.43 -3.77
CA SER F 68 -16.16 -7.59 -4.99
C SER F 68 -15.73 -8.94 -5.57
N ILE F 69 -16.71 -9.81 -5.82
CA ILE F 69 -16.50 -11.15 -6.38
C ILE F 69 -17.42 -11.33 -7.56
N SER F 70 -17.00 -12.11 -8.54
CA SER F 70 -17.81 -12.38 -9.73
C SER F 70 -17.16 -13.46 -10.57
N LYS F 71 -17.87 -13.91 -11.59
CA LYS F 71 -17.33 -14.95 -12.48
C LYS F 71 -17.94 -14.88 -13.87
N ASP F 72 -17.27 -15.58 -14.78
CA ASP F 72 -17.68 -15.67 -16.17
C ASP F 72 -17.56 -17.15 -16.55
N ASN F 73 -18.68 -17.85 -16.48
CA ASN F 73 -18.75 -19.30 -16.80
C ASN F 73 -18.27 -19.64 -18.20
N SER F 74 -18.59 -18.78 -19.16
CA SER F 74 -18.15 -18.98 -20.54
C SER F 74 -16.63 -19.01 -20.52
N LYS F 75 -16.02 -17.99 -19.91
CA LYS F 75 -14.57 -17.95 -19.85
C LYS F 75 -13.94 -18.81 -18.73
N SER F 76 -14.77 -19.43 -17.90
CA SER F 76 -14.29 -20.32 -16.82
C SER F 76 -13.40 -19.60 -15.79
N GLN F 77 -13.81 -18.39 -15.40
CA GLN F 77 -13.04 -17.60 -14.46
C GLN F 77 -13.82 -16.98 -13.32
N ILE F 78 -13.15 -16.86 -12.18
CA ILE F 78 -13.72 -16.29 -10.97
C ILE F 78 -12.81 -15.12 -10.65
N PHE F 79 -13.40 -14.06 -10.13
CA PHE F 79 -12.64 -12.86 -9.84
C PHE F 79 -12.83 -12.35 -8.44
N LEU F 80 -11.74 -11.81 -7.90
CA LEU F 80 -11.71 -11.21 -6.58
C LEU F 80 -11.15 -9.81 -6.78
N LYS F 81 -11.75 -8.82 -6.13
CA LYS F 81 -11.28 -7.45 -6.24
C LYS F 81 -11.37 -6.81 -4.86
N MET F 82 -10.22 -6.39 -4.32
CA MET F 82 -10.18 -5.75 -3.00
C MET F 82 -9.69 -4.31 -3.05
N ASN F 83 -10.31 -3.45 -2.27
CA ASN F 83 -9.98 -2.03 -2.26
C ASN F 83 -9.10 -1.67 -1.09
N SER F 84 -8.44 -0.53 -1.20
CA SER F 84 -7.58 0.02 -0.16
C SER F 84 -6.74 -0.98 0.62
N LEU F 85 -5.82 -1.63 -0.09
CA LEU F 85 -4.94 -2.60 0.51
C LEU F 85 -4.17 -2.02 1.69
N GLN F 86 -4.09 -2.79 2.76
CA GLN F 86 -3.36 -2.39 3.94
C GLN F 86 -2.25 -3.41 4.00
N THR F 87 -1.27 -3.16 4.86
CA THR F 87 -0.15 -4.09 5.00
C THR F 87 -0.59 -5.40 5.65
N ASP F 88 -1.77 -5.37 6.24
CA ASP F 88 -2.32 -6.55 6.91
C ASP F 88 -2.94 -7.50 5.93
N ASP F 89 -3.13 -7.04 4.71
CA ASP F 89 -3.73 -7.87 3.70
C ASP F 89 -2.74 -8.85 3.05
N SER F 90 -1.45 -8.68 3.28
CA SER F 90 -0.47 -9.60 2.70
C SER F 90 -0.86 -11.02 3.12
N ALA F 91 -0.84 -11.94 2.16
CA ALA F 91 -1.21 -13.34 2.40
C ALA F 91 -1.18 -14.19 1.12
N MET F 92 -1.31 -15.49 1.30
CA MET F 92 -1.39 -16.38 0.15
C MET F 92 -2.90 -16.48 -0.16
N TYR F 93 -3.31 -15.95 -1.30
CA TYR F 93 -4.71 -15.99 -1.71
C TYR F 93 -5.03 -17.22 -2.55
N TYR F 94 -6.20 -17.80 -2.30
CA TYR F 94 -6.65 -19.01 -2.97
C TYR F 94 -8.11 -19.03 -3.33
N CYS F 95 -8.42 -19.80 -4.36
CA CYS F 95 -9.80 -20.05 -4.74
C CYS F 95 -9.93 -21.55 -4.44
N VAL F 96 -11.08 -21.96 -3.92
CA VAL F 96 -11.35 -23.37 -3.59
C VAL F 96 -12.73 -23.74 -4.11
N SER F 97 -12.80 -24.86 -4.82
CA SER F 97 -14.04 -25.33 -5.41
C SER F 97 -14.63 -26.50 -4.64
N TYR F 98 -15.95 -26.53 -4.55
CA TYR F 98 -16.70 -27.58 -3.88
C TYR F 98 -17.86 -27.92 -4.82
N GLY F 99 -17.98 -29.18 -5.20
CA GLY F 99 -19.06 -29.56 -6.09
C GLY F 99 -19.02 -31.02 -6.46
N TYR F 100 -20.15 -31.53 -6.94
CA TYR F 100 -20.25 -32.92 -7.34
C TYR F 100 -20.02 -33.09 -8.83
N GLY F 101 -19.42 -34.21 -9.22
CA GLY F 101 -19.18 -34.43 -10.63
C GLY F 101 -17.72 -34.35 -11.00
N GLY F 102 -16.89 -35.07 -10.25
CA GLY F 102 -15.46 -35.12 -10.49
C GLY F 102 -14.88 -36.22 -9.62
N ASP F 103 -13.57 -36.39 -9.66
CA ASP F 103 -12.95 -37.40 -8.81
C ASP F 103 -12.89 -36.85 -7.38
N ARG F 104 -13.30 -35.60 -7.22
CA ARG F 104 -13.28 -34.99 -5.91
C ARG F 104 -14.45 -34.08 -5.72
N PHE F 105 -14.75 -33.93 -4.45
CA PHE F 105 -15.80 -33.06 -4.05
C PHE F 105 -15.20 -31.65 -4.09
N SER F 106 -13.90 -31.52 -3.79
CA SER F 106 -13.30 -30.19 -3.82
C SER F 106 -11.88 -30.12 -4.36
N TYR F 107 -11.55 -28.93 -4.86
CA TYR F 107 -10.26 -28.65 -5.44
C TYR F 107 -9.67 -27.34 -4.90
N TRP F 108 -8.56 -27.46 -4.19
CA TRP F 108 -7.88 -26.31 -3.61
C TRP F 108 -6.77 -25.82 -4.54
N GLY F 109 -6.96 -24.60 -5.05
CA GLY F 109 -6.01 -23.96 -5.97
C GLY F 109 -4.57 -23.90 -5.52
N GLN F 110 -3.69 -23.52 -6.45
CA GLN F 110 -2.25 -23.42 -6.19
C GLN F 110 -1.88 -22.32 -5.20
N GLY F 111 -2.53 -21.18 -5.35
CA GLY F 111 -2.27 -20.05 -4.49
C GLY F 111 -1.53 -18.98 -5.24
N THR F 112 -1.74 -17.74 -4.82
CA THR F 112 -1.05 -16.59 -5.39
C THR F 112 -0.69 -15.67 -4.21
N LEU F 113 0.61 -15.54 -3.96
CA LEU F 113 1.08 -14.73 -2.86
C LEU F 113 0.96 -13.23 -3.10
N VAL F 114 0.49 -12.53 -2.08
CA VAL F 114 0.32 -11.11 -2.17
C VAL F 114 1.08 -10.49 -1.01
N THR F 115 2.01 -9.60 -1.35
CA THR F 115 2.84 -8.94 -0.36
C THR F 115 2.66 -7.41 -0.45
N VAL F 116 1.99 -6.81 0.54
CA VAL F 116 1.73 -5.37 0.56
C VAL F 116 2.83 -4.70 1.33
N SER F 117 3.53 -3.80 0.64
CA SER F 117 4.65 -3.07 1.23
C SER F 117 5.02 -1.79 0.49
N ASP G 1 -13.02 -19.36 24.31
CA ASP G 1 -13.77 -18.36 25.12
C ASP G 1 -14.73 -17.57 24.22
N VAL G 2 -15.82 -17.07 24.83
CA VAL G 2 -16.82 -16.31 24.07
C VAL G 2 -16.19 -15.00 23.60
N VAL G 3 -16.33 -14.72 22.32
CA VAL G 3 -15.74 -13.54 21.71
C VAL G 3 -16.69 -12.35 21.61
N MET G 4 -16.41 -11.30 22.36
CA MET G 4 -17.24 -10.10 22.33
C MET G 4 -16.71 -9.11 21.27
N THR G 5 -17.59 -8.69 20.37
CA THR G 5 -17.22 -7.79 19.29
C THR G 5 -17.99 -6.47 19.24
N GLN G 6 -17.34 -5.36 19.60
CA GLN G 6 -18.04 -4.06 19.57
C GLN G 6 -17.87 -3.38 18.23
N THR G 7 -18.78 -2.44 17.93
CA THR G 7 -18.73 -1.68 16.68
C THR G 7 -19.56 -0.45 16.90
N PRO G 8 -19.08 0.71 16.42
CA PRO G 8 -17.80 0.93 15.72
C PRO G 8 -16.66 1.12 16.71
N SER G 9 -15.41 1.05 16.23
CA SER G 9 -14.24 1.23 17.11
C SER G 9 -14.41 2.53 17.91
N SER G 10 -14.84 3.57 17.20
CA SER G 10 -15.07 4.88 17.80
C SER G 10 -15.90 5.74 16.85
N LEU G 11 -16.31 6.91 17.31
CA LEU G 11 -17.11 7.83 16.49
C LEU G 11 -17.28 9.22 17.15
N ALA G 12 -17.54 10.22 16.31
CA ALA G 12 -17.73 11.60 16.76
C ALA G 12 -19.15 12.09 16.53
N MET G 13 -19.79 12.51 17.61
CA MET G 13 -21.16 13.01 17.57
C MET G 13 -21.22 14.34 18.32
N SER G 14 -22.20 15.17 17.98
CA SER G 14 -22.39 16.46 18.64
C SER G 14 -23.54 16.30 19.62
N VAL G 15 -23.72 17.28 20.51
CA VAL G 15 -24.81 17.21 21.50
C VAL G 15 -26.20 17.05 20.87
N GLY G 16 -27.18 16.66 21.70
CA GLY G 16 -28.57 16.49 21.26
C GLY G 16 -28.86 15.25 20.43
N GLN G 17 -27.88 14.82 19.61
CA GLN G 17 -28.03 13.65 18.75
C GLN G 17 -28.20 12.29 19.45
N LYS G 18 -28.41 11.27 18.62
CA LYS G 18 -28.59 9.90 19.06
C LYS G 18 -27.37 9.06 18.71
N VAL G 19 -26.89 8.27 19.67
CA VAL G 19 -25.74 7.40 19.46
C VAL G 19 -26.18 5.96 19.58
N THR G 20 -25.70 5.16 18.64
CA THR G 20 -26.04 3.76 18.57
C THR G 20 -24.83 2.87 18.29
N MET G 21 -24.35 2.20 19.33
CA MET G 21 -23.21 1.30 19.24
C MET G 21 -23.65 -0.13 19.55
N SER G 22 -23.02 -1.09 18.89
CA SER G 22 -23.38 -2.48 19.09
C SER G 22 -22.26 -3.34 19.69
N CYS G 23 -22.67 -4.44 20.31
CA CYS G 23 -21.75 -5.40 20.90
C CYS G 23 -22.33 -6.75 20.49
N LYS G 24 -21.60 -7.50 19.69
CA LYS G 24 -22.06 -8.82 19.25
C LYS G 24 -21.32 -9.95 19.94
N SER G 25 -21.94 -11.13 20.02
CA SER G 25 -21.31 -12.26 20.68
C SER G 25 -21.12 -13.45 19.77
N SER G 26 -20.19 -14.33 20.10
CA SER G 26 -19.92 -15.52 19.28
C SER G 26 -20.91 -16.65 19.65
N GLN G 27 -21.79 -16.34 20.59
CA GLN G 27 -22.78 -17.28 21.10
C GLN G 27 -23.89 -16.49 21.74
N SER G 28 -24.99 -17.18 22.00
CA SER G 28 -26.12 -16.56 22.68
C SER G 28 -25.77 -16.37 24.14
N LEU G 29 -26.17 -15.23 24.70
CA LEU G 29 -25.93 -14.91 26.10
C LEU G 29 -27.23 -15.01 26.90
N LEU G 30 -28.25 -15.63 26.29
CA LEU G 30 -29.54 -15.80 26.93
C LEU G 30 -29.56 -17.00 27.86
N ASN G 31 -29.93 -16.75 29.11
CA ASN G 31 -29.99 -17.79 30.11
C ASN G 31 -31.36 -18.48 30.17
N ILE G 32 -31.51 -19.53 29.39
CA ILE G 32 -32.73 -20.33 29.33
C ILE G 32 -32.85 -20.90 30.72
N SER G 33 -33.62 -20.26 31.60
CA SER G 33 -33.74 -20.74 32.97
C SER G 33 -34.36 -19.63 33.77
N ASN G 34 -34.00 -18.40 33.41
CA ASN G 34 -34.52 -17.19 34.04
C ASN G 34 -34.76 -16.16 32.93
N GLN G 35 -34.46 -16.59 31.71
CA GLN G 35 -34.61 -15.82 30.48
C GLN G 35 -33.90 -14.47 30.44
N LYS G 36 -32.81 -14.35 31.19
CA LYS G 36 -32.03 -13.13 31.22
C LYS G 36 -30.77 -13.20 30.33
N ASN G 37 -30.46 -12.09 29.67
CA ASN G 37 -29.27 -11.98 28.82
C ASN G 37 -28.13 -11.43 29.68
N TYR G 38 -27.09 -12.25 29.85
CA TYR G 38 -25.92 -11.88 30.65
C TYR G 38 -24.94 -10.96 29.93
N LEU G 39 -25.21 -9.66 29.99
CA LEU G 39 -24.38 -8.68 29.31
C LEU G 39 -24.43 -7.29 29.96
N ALA G 40 -23.26 -6.76 30.34
CA ALA G 40 -23.18 -5.43 30.96
C ALA G 40 -22.48 -4.43 30.04
N TRP G 41 -22.80 -3.15 30.19
CA TRP G 41 -22.15 -2.06 29.43
C TRP G 41 -21.49 -1.15 30.49
N TYR G 42 -20.28 -0.68 30.22
CA TYR G 42 -19.58 0.20 31.16
C TYR G 42 -19.14 1.48 30.47
N GLN G 43 -19.12 2.57 31.23
CA GLN G 43 -18.66 3.88 30.75
C GLN G 43 -17.31 4.16 31.41
N GLN G 44 -16.29 4.49 30.61
CA GLN G 44 -14.98 4.79 31.19
C GLN G 44 -14.52 6.17 30.81
N LYS G 45 -14.54 7.05 31.81
CA LYS G 45 -14.10 8.42 31.61
C LYS G 45 -12.61 8.48 31.96
N PRO G 46 -11.80 9.11 31.09
CA PRO G 46 -10.35 9.25 31.28
C PRO G 46 -9.99 9.67 32.72
N GLY G 47 -9.11 8.87 33.33
CA GLY G 47 -8.70 9.15 34.69
C GLY G 47 -9.20 8.16 35.72
N GLN G 48 -10.45 7.71 35.57
CA GLN G 48 -11.05 6.77 36.53
C GLN G 48 -11.42 5.40 35.98
N SER G 49 -11.79 4.53 36.90
CA SER G 49 -12.18 3.17 36.59
C SER G 49 -13.51 3.12 35.84
N PRO G 50 -13.74 2.06 35.07
CA PRO G 50 -15.00 1.95 34.34
C PRO G 50 -16.15 1.94 35.35
N LYS G 51 -17.28 2.49 34.92
CA LYS G 51 -18.47 2.57 35.75
C LYS G 51 -19.61 1.86 35.00
N LEU G 52 -20.35 1.00 35.71
CA LEU G 52 -21.46 0.24 35.14
C LEU G 52 -22.72 1.06 34.82
N LEU G 53 -23.12 1.00 33.55
CA LEU G 53 -24.32 1.71 33.07
C LEU G 53 -25.52 0.77 32.97
N VAL G 54 -25.38 -0.26 32.15
CA VAL G 54 -26.46 -1.21 31.94
C VAL G 54 -26.05 -2.65 32.21
N TYR G 55 -26.89 -3.38 32.94
CA TYR G 55 -26.62 -4.77 33.20
C TYR G 55 -27.86 -5.58 32.85
N PHE G 56 -27.65 -6.83 32.47
CA PHE G 56 -28.72 -7.73 32.03
C PHE G 56 -29.28 -7.19 30.74
N ALA G 57 -28.40 -6.53 29.99
CA ALA G 57 -28.71 -5.93 28.71
C ALA G 57 -29.64 -4.72 28.81
N SER G 58 -30.58 -4.73 29.77
CA SER G 58 -31.59 -3.69 29.91
C SER G 58 -31.70 -2.90 31.21
N THR G 59 -31.36 -3.51 32.34
CA THR G 59 -31.44 -2.82 33.61
C THR G 59 -30.40 -1.72 33.87
N ARG G 60 -30.87 -0.51 34.13
CA ARG G 60 -29.97 0.61 34.41
C ARG G 60 -29.51 0.59 35.85
N GLU G 61 -28.26 0.98 36.05
CA GLU G 61 -27.67 1.05 37.39
C GLU G 61 -28.23 2.32 38.09
N SER G 62 -28.13 2.39 39.42
CA SER G 62 -28.62 3.56 40.17
C SER G 62 -27.91 4.78 39.67
N GLY G 63 -28.65 5.72 39.13
CA GLY G 63 -28.03 6.94 38.65
C GLY G 63 -27.89 7.02 37.15
N VAL G 64 -28.01 5.89 36.47
CA VAL G 64 -27.87 5.99 35.03
C VAL G 64 -29.05 6.75 34.42
N PRO G 65 -28.75 7.86 33.73
CA PRO G 65 -29.74 8.71 33.08
C PRO G 65 -30.61 7.88 32.12
N ASP G 66 -31.88 8.26 32.03
CA ASP G 66 -32.83 7.57 31.16
C ASP G 66 -32.48 7.71 29.66
N ARG G 67 -31.66 8.71 29.31
CA ARG G 67 -31.27 8.91 27.92
C ARG G 67 -30.37 7.79 27.44
N PHE G 68 -30.10 6.83 28.34
CA PHE G 68 -29.26 5.63 28.09
C PHE G 68 -30.11 4.36 28.07
N ILE G 69 -30.08 3.64 26.95
CA ILE G 69 -30.89 2.44 26.80
C ILE G 69 -30.21 1.28 26.10
N GLY G 70 -30.04 0.21 26.87
CA GLY G 70 -29.45 -0.98 26.31
C GLY G 70 -30.54 -1.93 25.86
N SER G 71 -30.31 -2.61 24.74
CA SER G 71 -31.29 -3.55 24.23
C SER G 71 -30.63 -4.64 23.40
N GLY G 72 -31.40 -5.66 23.05
CA GLY G 72 -30.89 -6.75 22.24
C GLY G 72 -31.09 -8.07 22.95
N SER G 73 -30.84 -9.17 22.23
CA SER G 73 -30.99 -10.51 22.81
C SER G 73 -30.21 -11.57 22.03
N GLY G 74 -29.80 -12.62 22.75
CA GLY G 74 -29.04 -13.70 22.14
C GLY G 74 -27.59 -13.29 21.89
N THR G 75 -27.29 -12.93 20.65
CA THR G 75 -25.95 -12.50 20.28
C THR G 75 -25.84 -11.00 20.03
N ASP G 76 -26.80 -10.43 19.32
CA ASP G 76 -26.79 -9.00 18.97
C ASP G 76 -27.34 -8.07 20.03
N PHE G 77 -26.47 -7.18 20.53
CA PHE G 77 -26.83 -6.22 21.57
C PHE G 77 -26.51 -4.81 21.13
N THR G 78 -27.20 -3.86 21.74
CA THR G 78 -27.05 -2.47 21.40
C THR G 78 -27.22 -1.52 22.57
N LEU G 79 -26.29 -0.56 22.69
CA LEU G 79 -26.36 0.48 23.70
C LEU G 79 -26.74 1.72 22.94
N THR G 80 -27.68 2.47 23.49
CA THR G 80 -28.15 3.67 22.82
C THR G 80 -28.34 4.86 23.76
N ILE G 81 -28.15 6.06 23.19
CA ILE G 81 -28.33 7.31 23.93
C ILE G 81 -29.26 8.17 23.07
N SER G 82 -30.41 8.56 23.62
CA SER G 82 -31.38 9.39 22.88
C SER G 82 -30.69 10.70 22.44
N SER G 83 -30.61 11.67 23.35
CA SER G 83 -29.95 12.94 23.04
C SER G 83 -28.67 13.02 23.88
N VAL G 84 -27.53 12.92 23.18
CA VAL G 84 -26.19 12.97 23.76
C VAL G 84 -25.95 14.29 24.49
N GLN G 85 -25.01 14.25 25.42
CA GLN G 85 -24.64 15.45 26.17
C GLN G 85 -23.12 15.67 26.19
N ALA G 86 -22.71 16.67 26.97
CA ALA G 86 -21.29 17.01 27.07
C ALA G 86 -20.54 15.85 27.74
N GLU G 87 -20.92 15.60 28.97
CA GLU G 87 -20.33 14.55 29.81
C GLU G 87 -20.46 13.09 29.36
N ASP G 88 -20.98 12.86 28.15
CA ASP G 88 -21.15 11.51 27.65
C ASP G 88 -19.98 11.09 26.79
N GLN G 89 -19.04 12.00 26.58
CA GLN G 89 -17.83 11.68 25.81
C GLN G 89 -17.08 10.73 26.73
N ALA G 90 -16.68 9.57 26.21
CA ALA G 90 -15.94 8.59 27.01
C ALA G 90 -15.79 7.30 26.22
N ASP G 91 -15.32 6.26 26.92
CA ASP G 91 -15.14 4.93 26.34
C ASP G 91 -16.29 4.06 26.80
N TYR G 92 -16.82 3.24 25.89
CA TYR G 92 -17.94 2.37 26.20
C TYR G 92 -17.63 0.89 25.92
N PHE G 93 -17.71 0.09 26.98
CA PHE G 93 -17.42 -1.34 26.90
C PHE G 93 -18.63 -2.18 27.26
N CYS G 94 -18.62 -3.42 26.79
CA CYS G 94 -19.67 -4.39 27.10
C CYS G 94 -18.89 -5.63 27.47
N GLN G 95 -19.43 -6.45 28.36
CA GLN G 95 -18.77 -7.69 28.70
C GLN G 95 -19.84 -8.72 29.01
N GLN G 96 -19.66 -9.90 28.44
CA GLN G 96 -20.57 -10.98 28.66
C GLN G 96 -20.29 -11.54 30.06
N HIS G 97 -21.35 -11.91 30.79
CA HIS G 97 -21.21 -12.49 32.12
C HIS G 97 -21.83 -13.90 32.14
N TYR G 98 -21.96 -14.47 30.95
CA TYR G 98 -22.55 -15.79 30.78
C TYR G 98 -21.57 -16.91 31.18
N ARG G 99 -20.41 -16.97 30.52
CA ARG G 99 -19.40 -18.00 30.80
C ARG G 99 -18.06 -17.38 31.12
N ALA G 100 -17.23 -18.13 31.86
CA ALA G 100 -15.86 -17.68 32.22
C ALA G 100 -14.96 -18.18 31.07
N PRO G 101 -13.96 -17.37 30.64
CA PRO G 101 -13.63 -16.01 31.06
C PRO G 101 -14.69 -14.99 30.65
N ARG G 102 -15.05 -14.11 31.57
CA ARG G 102 -16.03 -13.08 31.30
C ARG G 102 -15.41 -11.96 30.46
N THR G 103 -15.20 -12.31 29.18
CA THR G 103 -14.62 -11.47 28.17
C THR G 103 -15.27 -10.10 28.00
N PHE G 104 -14.49 -9.14 27.48
CA PHE G 104 -14.91 -7.76 27.25
C PHE G 104 -14.85 -7.44 25.79
N GLY G 105 -15.61 -6.45 25.36
CA GLY G 105 -15.59 -6.04 23.98
C GLY G 105 -14.44 -5.06 23.75
N GLY G 106 -14.13 -4.80 22.47
CA GLY G 106 -13.05 -3.89 22.09
C GLY G 106 -13.21 -2.43 22.48
N GLY G 107 -14.37 -2.08 23.02
CA GLY G 107 -14.59 -0.71 23.43
C GLY G 107 -14.95 0.17 22.26
N THR G 108 -15.69 1.23 22.59
CA THR G 108 -16.11 2.19 21.60
C THR G 108 -15.77 3.56 22.18
N LYS G 109 -15.04 4.34 21.38
CA LYS G 109 -14.64 5.68 21.79
C LYS G 109 -15.66 6.70 21.27
N LEU G 110 -16.37 7.31 22.21
CA LEU G 110 -17.38 8.29 21.87
C LEU G 110 -16.85 9.68 22.13
N GLU G 111 -16.53 10.36 21.04
CA GLU G 111 -16.00 11.73 21.07
C GLU G 111 -17.06 12.72 20.63
N ILE G 112 -17.31 13.70 21.48
CA ILE G 112 -18.28 14.74 21.15
C ILE G 112 -17.54 15.98 20.63
N LYS G 113 -18.23 16.75 19.81
CA LYS G 113 -17.68 17.97 19.25
C LYS G 113 -18.70 19.07 19.54
N GLN H 1 -19.92 5.40 51.44
CA GLN H 1 -19.87 4.25 52.38
C GLN H 1 -19.09 3.04 51.84
N VAL H 2 -19.38 2.64 50.60
CA VAL H 2 -18.72 1.48 49.99
C VAL H 2 -17.41 1.84 49.28
N GLN H 3 -16.33 1.13 49.66
CA GLN H 3 -15.00 1.35 49.08
C GLN H 3 -14.23 0.05 48.84
N LEU H 4 -13.69 -0.07 47.62
CA LEU H 4 -12.87 -1.21 47.22
C LEU H 4 -11.48 -0.63 47.00
N VAL H 5 -10.56 -1.01 47.88
CA VAL H 5 -9.21 -0.49 47.81
C VAL H 5 -8.17 -1.56 47.63
N GLU H 6 -7.61 -1.60 46.43
CA GLU H 6 -6.57 -2.56 46.06
C GLU H 6 -5.22 -2.02 46.47
N SER H 7 -4.37 -2.91 46.98
CA SER H 7 -3.02 -2.53 47.39
C SER H 7 -2.07 -3.58 46.81
N GLY H 8 -1.10 -3.11 46.04
CA GLY H 8 -0.14 -4.01 45.42
C GLY H 8 1.27 -3.48 45.61
N PRO H 9 2.25 -4.05 44.91
CA PRO H 9 3.67 -3.67 44.98
C PRO H 9 4.16 -2.53 44.07
N GLY H 10 3.41 -2.19 43.02
CA GLY H 10 3.83 -1.14 42.10
C GLY H 10 4.92 -1.72 41.22
N LEU H 11 6.12 -1.12 41.24
CA LEU H 11 7.23 -1.64 40.45
C LEU H 11 7.66 -3.01 40.96
N VAL H 12 7.91 -3.94 40.04
CA VAL H 12 8.29 -5.30 40.41
C VAL H 12 9.15 -5.90 39.32
N ALA H 13 10.11 -6.71 39.73
CA ALA H 13 10.99 -7.35 38.79
C ALA H 13 10.35 -8.61 38.25
N PRO H 14 10.66 -8.99 36.99
CA PRO H 14 10.09 -10.19 36.38
C PRO H 14 10.40 -11.45 37.21
N SER H 15 9.70 -12.54 36.90
CA SER H 15 9.85 -13.84 37.56
C SER H 15 9.79 -13.77 39.08
N GLN H 16 9.08 -12.76 39.55
CA GLN H 16 8.87 -12.59 40.98
C GLN H 16 7.35 -12.77 41.11
N SER H 17 6.86 -12.99 42.32
CA SER H 17 5.43 -13.18 42.47
C SER H 17 4.69 -11.92 42.87
N LEU H 18 3.49 -11.78 42.32
CA LEU H 18 2.60 -10.65 42.59
C LEU H 18 1.58 -11.08 43.63
N SER H 19 1.14 -10.12 44.43
CA SER H 19 0.13 -10.35 45.46
C SER H 19 -0.60 -9.04 45.65
N ILE H 20 -1.93 -9.07 45.55
CA ILE H 20 -2.73 -7.87 45.72
C ILE H 20 -3.86 -8.17 46.69
N THR H 21 -4.31 -7.13 47.38
CA THR H 21 -5.37 -7.23 48.35
C THR H 21 -6.43 -6.18 48.14
N CYS H 22 -7.64 -6.65 47.92
CA CYS H 22 -8.77 -5.76 47.71
C CYS H 22 -9.45 -5.76 49.06
N THR H 23 -9.41 -4.61 49.72
CA THR H 23 -10.02 -4.43 51.04
C THR H 23 -11.31 -3.62 50.86
N VAL H 24 -12.42 -4.29 51.13
CA VAL H 24 -13.76 -3.76 51.00
C VAL H 24 -14.41 -3.24 52.28
N SER H 25 -15.10 -2.12 52.15
CA SER H 25 -15.78 -1.54 53.29
C SER H 25 -17.15 -1.08 52.81
N GLY H 26 -18.16 -1.30 53.65
CA GLY H 26 -19.50 -0.87 53.29
C GLY H 26 -20.44 -1.91 52.72
N ILE H 27 -19.99 -3.15 52.54
CA ILE H 27 -20.83 -4.22 52.01
C ILE H 27 -20.33 -5.57 52.50
N SER H 28 -21.11 -6.61 52.19
CA SER H 28 -20.76 -7.95 52.61
C SER H 28 -20.14 -8.79 51.50
N LEU H 29 -19.03 -9.43 51.82
CA LEU H 29 -18.35 -10.29 50.85
C LEU H 29 -19.11 -11.57 50.63
N SER H 30 -20.15 -11.76 51.43
CA SER H 30 -21.00 -12.95 51.34
C SER H 30 -22.11 -12.70 50.32
N ARG H 31 -22.69 -11.50 50.39
CA ARG H 31 -23.73 -11.08 49.48
C ARG H 31 -23.18 -10.88 48.05
N TYR H 32 -22.23 -9.95 47.93
CA TYR H 32 -21.61 -9.60 46.65
C TYR H 32 -20.57 -10.58 46.06
N ASN H 33 -20.43 -10.53 44.73
CA ASN H 33 -19.44 -11.33 44.00
C ASN H 33 -18.28 -10.41 43.66
N VAL H 34 -17.06 -10.96 43.68
CA VAL H 34 -15.91 -10.13 43.38
C VAL H 34 -15.04 -10.70 42.28
N HIS H 35 -14.76 -9.87 41.28
CA HIS H 35 -13.92 -10.28 40.16
C HIS H 35 -12.59 -9.49 40.20
N TRP H 36 -11.54 -10.07 39.62
CA TRP H 36 -10.26 -9.41 39.52
C TRP H 36 -10.14 -9.17 38.02
N VAL H 37 -9.96 -7.91 37.65
CA VAL H 37 -9.85 -7.51 36.26
C VAL H 37 -8.64 -6.60 36.10
N ARG H 38 -7.85 -6.80 35.06
CA ARG H 38 -6.71 -5.93 34.85
C ARG H 38 -6.98 -5.20 33.57
N GLN H 39 -6.31 -4.06 33.38
CA GLN H 39 -6.51 -3.27 32.17
C GLN H 39 -5.24 -2.56 31.78
N SER H 40 -5.02 -2.45 30.48
CA SER H 40 -3.83 -1.79 29.96
C SER H 40 -4.13 -1.29 28.56
N PRO H 41 -3.52 -0.17 28.13
CA PRO H 41 -3.82 0.30 26.78
C PRO H 41 -3.55 -0.77 25.74
N GLY H 42 -2.43 -1.44 25.84
CA GLY H 42 -2.10 -2.47 24.87
C GLY H 42 -2.91 -3.75 24.91
N LYS H 43 -3.30 -4.21 26.09
CA LYS H 43 -4.07 -5.45 26.20
C LYS H 43 -5.58 -5.31 26.40
N GLY H 44 -6.03 -4.08 26.63
CA GLY H 44 -7.44 -3.80 26.85
C GLY H 44 -7.87 -4.31 28.21
N LEU H 45 -9.17 -4.50 28.37
CA LEU H 45 -9.73 -5.02 29.60
C LEU H 45 -9.61 -6.57 29.58
N GLU H 46 -9.13 -7.16 30.67
CA GLU H 46 -8.97 -8.62 30.77
C GLU H 46 -9.56 -9.14 32.08
N TRP H 47 -10.35 -10.20 31.99
CA TRP H 47 -10.96 -10.78 33.18
C TRP H 47 -10.02 -11.85 33.74
N LEU H 48 -9.59 -11.68 35.00
CA LEU H 48 -8.67 -12.62 35.62
C LEU H 48 -9.33 -13.82 36.26
N GLY H 49 -10.36 -13.55 37.07
CA GLY H 49 -11.09 -14.60 37.75
C GLY H 49 -12.09 -13.98 38.69
N MET H 50 -12.73 -14.80 39.52
CA MET H 50 -13.73 -14.29 40.45
C MET H 50 -13.99 -15.29 41.58
N ILE H 51 -14.58 -14.77 42.63
CA ILE H 51 -14.93 -15.55 43.78
C ILE H 51 -16.33 -15.08 44.22
N TRP H 52 -17.30 -15.98 44.09
CA TRP H 52 -18.69 -15.71 44.44
C TRP H 52 -18.87 -15.51 45.93
N GLY H 53 -19.85 -14.68 46.30
CA GLY H 53 -20.13 -14.46 47.72
C GLY H 53 -20.27 -15.80 48.41
N GLY H 54 -20.82 -16.77 47.67
CA GLY H 54 -20.98 -18.12 48.19
C GLY H 54 -19.76 -18.94 47.80
N GLY H 55 -18.60 -18.47 48.25
CA GLY H 55 -17.29 -19.10 48.02
C GLY H 55 -16.75 -19.76 46.76
N SER H 56 -17.56 -19.99 45.72
CA SER H 56 -17.04 -20.65 44.53
C SER H 56 -15.98 -19.78 43.82
N ILE H 57 -14.94 -20.42 43.28
CA ILE H 57 -13.84 -19.73 42.60
C ILE H 57 -13.57 -20.13 41.16
N GLU H 58 -13.57 -19.17 40.26
CA GLU H 58 -13.30 -19.42 38.85
C GLU H 58 -12.04 -18.67 38.44
N TYR H 59 -11.40 -19.14 37.39
CA TYR H 59 -10.19 -18.54 36.88
C TYR H 59 -10.29 -18.33 35.40
N ASN H 60 -9.37 -17.51 34.90
CA ASN H 60 -9.31 -17.31 33.48
C ASN H 60 -8.55 -18.58 33.07
N PRO H 61 -9.18 -19.45 32.24
CA PRO H 61 -8.48 -20.68 31.84
C PRO H 61 -6.99 -20.49 31.49
N ALA H 62 -6.68 -19.50 30.67
CA ALA H 62 -5.30 -19.24 30.24
C ALA H 62 -4.32 -18.98 31.40
N LEU H 63 -4.75 -18.22 32.40
CA LEU H 63 -3.89 -17.90 33.52
C LEU H 63 -4.16 -18.75 34.76
N LYS H 64 -5.05 -19.74 34.67
CA LYS H 64 -5.37 -20.59 35.82
C LYS H 64 -4.07 -21.19 36.34
N SER H 65 -3.21 -21.46 35.37
CA SER H 65 -1.88 -22.03 35.56
C SER H 65 -1.01 -21.27 36.62
N ARG H 66 -1.15 -19.95 36.67
CA ARG H 66 -0.37 -19.10 37.56
C ARG H 66 -1.18 -18.29 38.58
N LEU H 67 -2.50 -18.41 38.54
CA LEU H 67 -3.36 -17.63 39.44
C LEU H 67 -3.77 -18.26 40.76
N SER H 68 -4.29 -17.40 41.63
CA SER H 68 -4.76 -17.82 42.95
C SER H 68 -5.66 -16.73 43.51
N ILE H 69 -6.92 -17.07 43.74
CA ILE H 69 -7.90 -16.15 44.26
C ILE H 69 -8.42 -16.74 45.54
N SER H 70 -8.69 -15.89 46.52
CA SER H 70 -9.20 -16.34 47.80
C SER H 70 -9.77 -15.15 48.51
N LYS H 71 -10.49 -15.41 49.60
CA LYS H 71 -11.08 -14.32 50.37
C LYS H 71 -11.22 -14.70 51.85
N ASP H 72 -11.45 -13.67 52.66
CA ASP H 72 -11.59 -13.79 54.09
C ASP H 72 -12.69 -12.82 54.47
N ASN H 73 -13.88 -13.36 54.71
CA ASN H 73 -15.03 -12.54 55.07
C ASN H 73 -14.83 -11.83 56.38
N SER H 74 -13.99 -12.41 57.22
CA SER H 74 -13.67 -11.84 58.53
C SER H 74 -13.14 -10.44 58.30
N LYS H 75 -11.95 -10.37 57.71
CA LYS H 75 -11.28 -9.11 57.42
C LYS H 75 -11.80 -8.36 56.18
N SER H 76 -12.95 -8.75 55.65
CA SER H 76 -13.55 -8.12 54.47
C SER H 76 -12.55 -7.87 53.32
N GLN H 77 -11.86 -8.93 52.88
CA GLN H 77 -10.87 -8.79 51.82
C GLN H 77 -10.63 -9.96 50.89
N ILE H 78 -10.26 -9.64 49.65
CA ILE H 78 -10.02 -10.62 48.60
C ILE H 78 -8.55 -10.54 48.17
N PHE H 79 -7.96 -11.68 47.88
CA PHE H 79 -6.56 -11.77 47.48
C PHE H 79 -6.38 -12.39 46.11
N LEU H 80 -5.41 -11.86 45.37
CA LEU H 80 -5.04 -12.40 44.07
C LEU H 80 -3.56 -12.68 44.23
N LYS H 81 -3.08 -13.71 43.55
CA LYS H 81 -1.68 -14.08 43.61
C LYS H 81 -1.32 -14.61 42.24
N MET H 82 -0.23 -14.11 41.67
CA MET H 82 0.18 -14.58 40.37
C MET H 82 1.67 -14.91 40.39
N ASN H 83 2.03 -15.98 39.69
CA ASN H 83 3.40 -16.43 39.65
C ASN H 83 4.08 -16.11 38.36
N SER H 84 5.41 -16.15 38.44
CA SER H 84 6.29 -15.92 37.29
C SER H 84 5.85 -14.74 36.44
N LEU H 85 5.79 -13.59 37.10
CA LEU H 85 5.41 -12.34 36.46
C LEU H 85 6.24 -12.11 35.19
N GLN H 86 5.57 -11.64 34.16
CA GLN H 86 6.23 -11.35 32.90
C GLN H 86 6.06 -9.85 32.69
N THR H 87 6.80 -9.29 31.75
CA THR H 87 6.67 -7.86 31.49
C THR H 87 5.30 -7.59 30.86
N ASP H 88 4.68 -8.66 30.39
CA ASP H 88 3.35 -8.62 29.78
C ASP H 88 2.30 -8.43 30.83
N ASP H 89 2.62 -8.77 32.07
CA ASP H 89 1.66 -8.66 33.14
C ASP H 89 1.49 -7.27 33.67
N SER H 90 2.26 -6.32 33.18
CA SER H 90 2.09 -4.96 33.64
C SER H 90 0.68 -4.50 33.30
N ALA H 91 0.01 -3.82 34.23
CA ALA H 91 -1.34 -3.32 34.01
C ALA H 91 -1.89 -2.74 35.29
N MET H 92 -3.11 -2.22 35.19
CA MET H 92 -3.82 -1.67 36.33
C MET H 92 -4.76 -2.78 36.81
N TYR H 93 -4.58 -3.25 38.03
CA TYR H 93 -5.39 -4.33 38.56
C TYR H 93 -6.53 -3.84 39.44
N TYR H 94 -7.74 -4.33 39.14
CA TYR H 94 -8.94 -3.98 39.86
C TYR H 94 -9.71 -5.18 40.39
N CYS H 95 -10.44 -4.92 41.46
CA CYS H 95 -11.38 -5.87 42.07
C CYS H 95 -12.69 -5.11 41.84
N VAL H 96 -13.67 -5.83 41.29
CA VAL H 96 -14.99 -5.29 40.97
C VAL H 96 -16.02 -6.16 41.65
N SER H 97 -17.03 -5.53 42.25
CA SER H 97 -18.09 -6.26 42.94
C SER H 97 -19.44 -6.05 42.27
N TYR H 98 -20.26 -7.09 42.30
CA TYR H 98 -21.60 -7.06 41.72
C TYR H 98 -22.56 -7.66 42.73
N GLY H 99 -23.67 -6.96 42.96
CA GLY H 99 -24.67 -7.45 43.90
C GLY H 99 -25.79 -6.52 44.29
N TYR H 100 -26.90 -7.14 44.72
CA TYR H 100 -28.06 -6.42 45.20
C TYR H 100 -27.80 -6.17 46.69
N GLY H 101 -28.18 -5.01 47.16
CA GLY H 101 -27.95 -4.70 48.56
C GLY H 101 -27.84 -3.20 48.60
N GLY H 102 -26.61 -2.69 48.68
CA GLY H 102 -26.40 -1.26 48.71
C GLY H 102 -27.18 -0.55 47.61
N ASP H 103 -27.10 0.78 47.61
CA ASP H 103 -27.81 1.58 46.62
C ASP H 103 -27.16 1.46 45.25
N ARG H 104 -26.42 0.38 45.04
CA ARG H 104 -25.74 0.15 43.79
C ARG H 104 -25.50 -1.33 43.56
N PHE H 105 -25.55 -1.73 42.29
CA PHE H 105 -25.34 -3.11 41.90
C PHE H 105 -23.84 -3.42 41.87
N SER H 106 -23.08 -2.56 41.21
CA SER H 106 -21.65 -2.82 41.16
C SER H 106 -20.83 -1.70 41.72
N TYR H 107 -19.65 -2.07 42.20
CA TYR H 107 -18.69 -1.14 42.74
C TYR H 107 -17.38 -1.55 42.10
N TRP H 108 -16.81 -0.66 41.31
CA TRP H 108 -15.55 -0.89 40.65
C TRP H 108 -14.49 -0.24 41.54
N GLY H 109 -13.45 -0.99 41.91
CA GLY H 109 -12.40 -0.44 42.76
C GLY H 109 -11.70 0.80 42.23
N GLN H 110 -10.61 1.16 42.89
CA GLN H 110 -9.81 2.32 42.48
C GLN H 110 -8.65 1.86 41.60
N GLY H 111 -8.23 0.62 41.78
CA GLY H 111 -7.15 0.07 40.99
C GLY H 111 -5.79 0.19 41.63
N THR H 112 -4.85 -0.61 41.16
CA THR H 112 -3.48 -0.58 41.66
C THR H 112 -2.61 -0.89 40.46
N LEU H 113 -1.65 -0.01 40.18
CA LEU H 113 -0.78 -0.22 39.04
C LEU H 113 0.37 -1.19 39.31
N VAL H 114 0.48 -2.18 38.45
CA VAL H 114 1.54 -3.17 38.57
C VAL H 114 2.48 -3.00 37.36
N THR H 115 3.71 -2.57 37.61
CA THR H 115 4.68 -2.35 36.55
C THR H 115 5.82 -3.34 36.68
N VAL H 116 5.89 -4.30 35.77
CA VAL H 116 6.93 -5.32 35.79
C VAL H 116 8.07 -4.92 34.84
N SER H 117 9.30 -4.88 35.38
CA SER H 117 10.53 -4.50 34.64
C SER H 117 11.77 -4.52 35.53
#